data_2Q27
#
_entry.id   2Q27
#
_cell.length_a   132.110
_cell.length_b   145.440
_cell.length_c   147.980
_cell.angle_alpha   90.000
_cell.angle_beta   90.000
_cell.angle_gamma   90.000
#
_symmetry.space_group_name_H-M   'C 2 2 21'
#
loop_
_entity.id
_entity.type
_entity.pdbx_description
1 polymer 'oxalyl-CoA decarboxylase'
2 non-polymer 'MAGNESIUM ION'
3 non-polymer 'SULFATE ION'
4 non-polymer 'THIAMINE DIPHOSPHATE'
5 non-polymer 1,2-ETHANEDIOL
6 non-polymer '2-(N-MORPHOLINO)-ETHANESULFONIC ACID'
7 water water
#
_entity_poly.entity_id   1
_entity_poly.type   'polypeptide(L)'
_entity_poly.pdbx_seq_one_letter_code
;MSDQLQMTDGMHIIVEALKQNNIDTIYGVVGIPVTDMARHAQAEGIRYIGFRHEQSAGYAAAASGFLTQKPGICLTVSAP
GFLNGLTALANATVNGFPMIMISGSSDRAIVDLQQGDYEELDQMNAAKPYAKAAFRVNQPQDLGIALARAIRVSVSGRPG
GVYLDLPANVLAATMEKDEALTTIVKVENPSPALLPCPKSVTSAISLLAKAERPLIILGKGAAYSQADEQLREFIESAQI
PFLPMSMAKGILEDTHPLSAAAARSFALANADVVMLVGARLNWLLAHGKKGWAADTQFIQLDIEPQEIDSNRPIAVPVVG
DIASSMQGMLAELKQNTFTTPLVWRDILNIHKQQNAQKMHEKLSTDTQPLNYFNALSAVRDVLRENQDIYLVNEGANTLD
NARNIIDMYKPRRRLDCGTWGVMGIGMGYAIGASVTSGSPVVAIEGDSAFGFSGMEIETICRYNLPVTIVIFNNGGIYRG
DGVDLSGAGAPSPTDLLHHARYDKLMDAFRGVGYNVTTTDELRHALTTGIQSRKPTIINVVIDPAAGTESGHITKLNPKQ
VAGN
;
_entity_poly.pdbx_strand_id   A,B
#
# COMPACT_ATOMS: atom_id res chain seq x y z
N LEU A 5 44.43 3.54 6.36
CA LEU A 5 43.04 3.56 5.81
C LEU A 5 42.54 2.10 5.79
N GLN A 6 41.62 1.79 6.71
CA GLN A 6 40.99 0.47 6.78
C GLN A 6 39.75 0.45 5.89
N MET A 7 39.75 -0.49 4.94
CA MET A 7 38.65 -0.66 3.99
C MET A 7 37.67 -1.79 4.37
N THR A 8 36.40 -1.60 4.01
CA THR A 8 35.38 -2.65 4.09
C THR A 8 34.67 -2.85 2.72
N ASP A 9 33.82 -3.87 2.62
CA ASP A 9 33.10 -4.10 1.34
C ASP A 9 31.58 -4.21 1.55
N GLY A 10 30.79 -4.09 0.47
CA GLY A 10 29.33 -4.30 0.60
C GLY A 10 28.88 -5.54 1.41
N MET A 11 29.52 -6.68 1.16
CA MET A 11 29.19 -7.89 1.86
C MET A 11 29.32 -7.70 3.37
N HIS A 12 30.41 -7.07 3.84
CA HIS A 12 30.57 -6.79 5.30
C HIS A 12 29.55 -5.83 5.86
N ILE A 13 29.22 -4.82 5.06
CA ILE A 13 28.29 -3.80 5.47
C ILE A 13 26.88 -4.41 5.68
N ILE A 14 26.43 -5.23 4.73
CA ILE A 14 25.07 -5.76 4.83
C ILE A 14 24.96 -6.73 6.00
N VAL A 15 25.99 -7.52 6.22
CA VAL A 15 26.00 -8.38 7.41
C VAL A 15 25.93 -7.56 8.73
N GLU A 16 26.73 -6.49 8.81
CA GLU A 16 26.66 -5.61 9.97
C GLU A 16 25.28 -4.99 10.13
N ALA A 17 24.71 -4.53 9.01
CA ALA A 17 23.39 -3.97 9.00
C ALA A 17 22.38 -5.02 9.54
N LEU A 18 22.50 -6.27 9.13
CA LEU A 18 21.62 -7.33 9.70
C LEU A 18 21.76 -7.48 11.21
N LYS A 19 23.02 -7.51 11.64
CA LYS A 19 23.39 -7.68 13.07
C LYS A 19 22.81 -6.56 13.91
N GLN A 20 23.07 -5.33 13.51
CA GLN A 20 22.48 -4.18 14.21
C GLN A 20 20.97 -4.17 14.24
N ASN A 21 20.32 -4.76 13.24
CA ASN A 21 18.86 -4.88 13.34
C ASN A 21 18.29 -6.10 13.96
N ASN A 22 19.14 -6.82 14.71
CA ASN A 22 18.78 -7.99 15.49
C ASN A 22 18.33 -9.20 14.70
N ILE A 23 18.92 -9.33 13.52
CA ILE A 23 18.69 -10.56 12.78
C ILE A 23 19.60 -11.63 13.32
N ASP A 24 19.03 -12.74 13.76
CA ASP A 24 19.94 -13.76 14.26
C ASP A 24 19.87 -15.08 13.51
N THR A 25 18.95 -15.18 12.54
CA THR A 25 18.87 -16.34 11.64
C THR A 25 18.68 -15.93 10.18
N ILE A 26 19.36 -16.65 9.29
CA ILE A 26 19.10 -16.63 7.85
C ILE A 26 18.86 -18.05 7.36
N TYR A 27 17.77 -18.19 6.61
CA TYR A 27 17.38 -19.39 5.88
C TYR A 27 17.77 -19.21 4.40
N GLY A 28 18.55 -20.09 3.83
CA GLY A 28 18.80 -19.89 2.41
C GLY A 28 19.33 -21.10 1.67
N VAL A 29 19.80 -20.83 0.45
CA VAL A 29 20.59 -21.81 -0.34
C VAL A 29 21.64 -20.90 -1.00
N VAL A 30 22.91 -21.24 -0.83
CA VAL A 30 24.03 -20.42 -1.33
C VAL A 30 24.47 -20.81 -2.73
N GLY A 31 25.53 -20.18 -3.19
CA GLY A 31 26.07 -20.32 -4.55
C GLY A 31 26.53 -18.87 -4.94
N ILE A 32 27.08 -18.72 -6.15
CA ILE A 32 27.47 -17.39 -6.69
C ILE A 32 26.25 -16.46 -6.63
N PRO A 33 26.43 -15.20 -6.18
CA PRO A 33 27.61 -14.51 -5.60
C PRO A 33 27.48 -14.38 -4.05
N VAL A 34 26.61 -15.17 -3.40
CA VAL A 34 26.33 -14.99 -1.98
C VAL A 34 26.96 -15.96 -0.98
N THR A 35 27.73 -16.94 -1.42
CA THR A 35 28.29 -17.94 -0.48
C THR A 35 29.13 -17.31 0.62
N ASP A 36 29.98 -16.35 0.24
CA ASP A 36 30.82 -15.68 1.22
C ASP A 36 29.99 -14.82 2.20
N MET A 37 28.95 -14.18 1.68
CA MET A 37 28.01 -13.49 2.56
C MET A 37 27.47 -14.36 3.67
N ALA A 38 27.04 -15.58 3.32
CA ALA A 38 26.53 -16.52 4.33
C ALA A 38 27.61 -17.00 5.33
N ARG A 39 28.76 -17.34 4.77
CA ARG A 39 29.93 -17.69 5.60
C ARG A 39 30.28 -16.62 6.65
N HIS A 40 30.32 -15.36 6.20
CA HIS A 40 30.65 -14.26 7.03
C HIS A 40 29.52 -13.98 8.03
N ALA A 41 28.26 -14.00 7.56
CA ALA A 41 27.11 -13.84 8.49
C ALA A 41 27.24 -14.91 9.61
N GLN A 42 27.54 -16.14 9.21
CA GLN A 42 27.70 -17.17 10.22
C GLN A 42 28.90 -16.87 11.21
N ALA A 43 29.98 -16.33 10.63
CA ALA A 43 31.18 -15.93 11.39
C ALA A 43 30.82 -14.89 12.41
N GLU A 44 29.90 -14.00 12.06
CA GLU A 44 29.47 -12.96 12.95
C GLU A 44 28.35 -13.35 13.94
N GLY A 45 28.01 -14.65 14.02
CA GLY A 45 27.09 -15.14 15.05
C GLY A 45 25.66 -15.31 14.57
N ILE A 46 25.34 -14.95 13.31
CA ILE A 46 24.02 -15.20 12.76
C ILE A 46 23.91 -16.69 12.48
N ARG A 47 22.80 -17.29 12.88
CA ARG A 47 22.59 -18.71 12.63
C ARG A 47 22.20 -18.92 11.15
N TYR A 48 22.94 -19.77 10.43
CA TYR A 48 22.66 -20.02 9.01
C TYR A 48 21.95 -21.32 8.88
N ILE A 49 20.71 -21.28 8.34
CA ILE A 49 20.00 -22.52 7.96
C ILE A 49 19.95 -22.75 6.44
N GLY A 50 20.65 -23.78 5.94
CA GLY A 50 20.65 -24.03 4.47
C GLY A 50 19.69 -25.15 4.10
N PHE A 51 18.97 -24.92 3.00
CA PHE A 51 17.91 -25.79 2.55
C PHE A 51 18.20 -26.62 1.30
N ARG A 52 17.35 -27.62 1.02
CA ARG A 52 17.42 -28.33 -0.26
C ARG A 52 16.79 -27.55 -1.43
N HIS A 53 15.99 -26.50 -1.16
CA HIS A 53 15.32 -25.74 -2.28
C HIS A 53 14.97 -24.39 -1.68
N GLU A 54 15.02 -23.29 -2.44
CA GLU A 54 14.81 -21.98 -1.86
C GLU A 54 13.36 -21.71 -1.41
N GLN A 55 12.40 -22.40 -2.01
CA GLN A 55 11.05 -22.11 -1.62
C GLN A 55 10.80 -22.50 -0.15
N SER A 56 11.38 -23.63 0.32
CA SER A 56 11.28 -23.98 1.73
C SER A 56 12.01 -23.03 2.63
N ALA A 57 13.17 -22.51 2.18
CA ALA A 57 13.84 -21.47 2.92
C ALA A 57 12.97 -20.25 3.07
N GLY A 58 12.24 -19.88 2.01
CA GLY A 58 11.36 -18.73 2.02
C GLY A 58 10.13 -19.04 2.89
N TYR A 59 9.64 -20.28 2.86
CA TYR A 59 8.52 -20.63 3.72
C TYR A 59 8.95 -20.55 5.16
N ALA A 60 10.17 -20.99 5.49
CA ALA A 60 10.72 -20.92 6.87
C ALA A 60 10.87 -19.44 7.30
N ALA A 61 11.34 -18.58 6.42
CA ALA A 61 11.40 -17.15 6.75
C ALA A 61 10.07 -16.55 7.13
N ALA A 62 9.06 -16.78 6.31
CA ALA A 62 7.70 -16.15 6.54
C ALA A 62 7.05 -16.73 7.84
N ALA A 63 7.25 -18.02 8.15
CA ALA A 63 6.77 -18.60 9.43
C ALA A 63 7.39 -17.89 10.61
N SER A 64 8.69 -17.71 10.55
CA SER A 64 9.46 -17.03 11.57
C SER A 64 8.94 -15.59 11.71
N GLY A 65 8.68 -14.91 10.58
CA GLY A 65 7.97 -13.60 10.63
C GLY A 65 6.59 -13.57 11.31
N PHE A 66 5.72 -14.50 10.95
CA PHE A 66 4.39 -14.57 11.57
C PHE A 66 4.46 -14.81 13.11
N LEU A 67 5.46 -15.59 13.52
CA LEU A 67 5.57 -15.98 14.91
C LEU A 67 6.09 -14.83 15.78
N THR A 68 6.92 -13.98 15.19
CA THR A 68 7.70 -13.02 15.94
C THR A 68 7.38 -11.54 15.62
N GLN A 69 6.75 -11.25 14.49
CA GLN A 69 6.62 -9.85 14.03
C GLN A 69 7.95 -9.17 13.61
N LYS A 70 9.01 -9.98 13.49
CA LYS A 70 10.28 -9.56 12.94
C LYS A 70 10.45 -10.31 11.58
N PRO A 71 10.75 -9.59 10.48
CA PRO A 71 10.81 -10.20 9.16
C PRO A 71 11.83 -11.35 9.15
N GLY A 72 11.41 -12.56 8.77
CA GLY A 72 12.34 -13.64 8.45
C GLY A 72 13.16 -13.29 7.23
N ILE A 73 14.41 -13.73 7.27
CA ILE A 73 15.40 -13.48 6.19
C ILE A 73 15.65 -14.73 5.39
N CYS A 74 15.33 -14.63 4.10
CA CYS A 74 15.64 -15.68 3.11
C CYS A 74 16.75 -15.18 2.17
N LEU A 75 17.82 -15.97 2.04
CA LEU A 75 18.93 -15.66 1.13
C LEU A 75 18.98 -16.60 -0.12
N THR A 76 19.04 -16.05 -1.33
CA THR A 76 19.17 -16.85 -2.56
C THR A 76 20.27 -16.26 -3.53
N VAL A 77 20.73 -17.10 -4.49
CA VAL A 77 21.51 -16.68 -5.66
C VAL A 77 20.63 -15.97 -6.70
N SER A 78 21.17 -15.87 -7.91
CA SER A 78 20.49 -15.08 -8.95
C SER A 78 19.46 -15.99 -9.62
N ALA A 79 19.15 -15.75 -10.88
CA ALA A 79 17.90 -16.10 -11.57
C ALA A 79 17.22 -17.40 -11.12
N PRO A 80 17.86 -18.58 -11.31
CA PRO A 80 17.05 -19.76 -11.00
C PRO A 80 16.75 -19.91 -9.47
N GLY A 81 17.71 -19.54 -8.62
CA GLY A 81 17.54 -19.56 -7.17
C GLY A 81 16.50 -18.57 -6.70
N PHE A 82 16.59 -17.36 -7.27
CA PHE A 82 15.68 -16.26 -7.03
C PHE A 82 14.25 -16.63 -7.30
N LEU A 83 14.00 -17.22 -8.48
CA LEU A 83 12.65 -17.55 -8.88
C LEU A 83 12.00 -18.59 -7.98
N ASN A 84 12.76 -19.61 -7.56
CA ASN A 84 12.29 -20.53 -6.52
C ASN A 84 11.86 -19.79 -5.21
N GLY A 85 12.74 -18.94 -4.68
CA GLY A 85 12.44 -18.18 -3.44
C GLY A 85 11.25 -17.25 -3.72
N LEU A 86 11.12 -16.75 -4.94
CA LEU A 86 10.07 -15.77 -5.23
C LEU A 86 8.70 -16.40 -5.04
N THR A 87 8.57 -17.72 -5.29
CA THR A 87 7.29 -18.37 -5.11
C THR A 87 6.85 -18.31 -3.63
N ALA A 88 7.83 -18.39 -2.75
CA ALA A 88 7.59 -18.31 -1.33
C ALA A 88 7.41 -16.85 -0.87
N LEU A 89 8.08 -15.91 -1.52
CA LEU A 89 7.87 -14.53 -1.22
C LEU A 89 6.41 -14.14 -1.48
N ALA A 90 5.90 -14.55 -2.64
CA ALA A 90 4.50 -14.48 -3.05
C ALA A 90 3.55 -14.96 -1.98
N ASN A 91 3.78 -16.17 -1.45
CA ASN A 91 2.95 -16.72 -0.41
C ASN A 91 2.97 -15.89 0.86
N ALA A 92 4.11 -15.34 1.25
CA ALA A 92 4.11 -14.47 2.43
C ALA A 92 3.28 -13.19 2.30
N THR A 93 3.36 -12.55 1.14
CA THR A 93 2.64 -11.32 0.87
C THR A 93 1.13 -11.57 0.88
N VAL A 94 0.72 -12.72 0.31
CA VAL A 94 -0.66 -13.13 0.30
C VAL A 94 -1.23 -13.41 1.72
N ASN A 95 -0.43 -14.09 2.55
CA ASN A 95 -0.84 -14.42 3.89
C ASN A 95 -0.67 -13.31 4.91
N GLY A 96 0.07 -12.25 4.58
CA GLY A 96 0.35 -11.18 5.51
C GLY A 96 1.47 -11.54 6.46
N PHE A 97 2.49 -12.32 6.01
CA PHE A 97 3.64 -12.63 6.89
C PHE A 97 4.89 -11.79 6.51
N PRO A 98 5.55 -11.15 7.51
CA PRO A 98 6.66 -10.29 7.11
C PRO A 98 7.91 -11.11 6.79
N MET A 99 8.58 -10.80 5.68
CA MET A 99 9.84 -11.43 5.39
C MET A 99 10.57 -10.61 4.39
N ILE A 100 11.89 -10.78 4.33
CA ILE A 100 12.70 -10.13 3.34
C ILE A 100 13.49 -11.23 2.64
N MET A 101 13.34 -11.29 1.29
CA MET A 101 14.22 -12.15 0.48
C MET A 101 15.35 -11.26 -0.07
N ILE A 102 16.56 -11.68 0.23
CA ILE A 102 17.78 -10.99 -0.26
C ILE A 102 18.34 -11.95 -1.25
N SER A 103 18.43 -11.52 -2.51
CA SER A 103 19.03 -12.31 -3.60
C SER A 103 20.22 -11.60 -4.27
N GLY A 104 21.29 -12.33 -4.50
CA GLY A 104 22.35 -11.81 -5.38
C GLY A 104 21.76 -11.71 -6.81
N SER A 105 22.26 -10.74 -7.62
CA SER A 105 21.90 -10.68 -8.99
C SER A 105 23.20 -10.42 -9.74
N SER A 106 23.14 -10.42 -11.08
CA SER A 106 24.34 -10.37 -11.91
C SER A 106 24.75 -8.95 -12.20
N ASP A 107 25.36 -8.72 -13.38
CA ASP A 107 25.94 -7.46 -13.77
C ASP A 107 24.86 -6.54 -14.36
N ARG A 108 24.61 -5.41 -13.73
CA ARG A 108 23.49 -4.53 -14.15
C ARG A 108 23.58 -4.13 -15.64
N ALA A 109 24.81 -3.95 -16.13
CA ALA A 109 25.02 -3.41 -17.44
C ALA A 109 24.71 -4.43 -18.49
N ILE A 110 25.04 -5.68 -18.20
CA ILE A 110 24.80 -6.76 -19.15
C ILE A 110 23.32 -7.16 -19.18
N VAL A 111 22.73 -7.22 -17.99
CA VAL A 111 21.34 -7.63 -17.88
C VAL A 111 20.46 -6.56 -18.52
N ASP A 112 20.78 -5.29 -18.29
CA ASP A 112 20.04 -4.18 -18.92
C ASP A 112 20.03 -4.26 -20.47
N LEU A 113 21.05 -4.83 -21.12
CA LEU A 113 21.06 -4.94 -22.56
C LEU A 113 20.71 -6.38 -23.07
N GLN A 114 20.39 -7.31 -22.15
CA GLN A 114 19.83 -8.59 -22.54
C GLN A 114 20.78 -9.40 -23.42
N GLN A 115 22.07 -9.33 -23.05
CA GLN A 115 23.15 -9.96 -23.80
C GLN A 115 23.38 -11.44 -23.41
N GLY A 116 22.50 -11.97 -22.53
CA GLY A 116 22.62 -13.37 -22.04
C GLY A 116 23.70 -13.56 -20.97
N ASP A 117 23.73 -12.64 -19.97
CA ASP A 117 24.61 -12.70 -18.80
C ASP A 117 24.40 -14.03 -18.04
N TYR A 118 25.37 -14.41 -17.20
CA TYR A 118 25.15 -15.49 -16.23
C TYR A 118 23.87 -15.17 -15.39
N GLU A 119 22.94 -16.14 -15.30
CA GLU A 119 21.72 -16.06 -14.45
C GLU A 119 20.97 -14.70 -14.67
N GLU A 120 20.67 -14.43 -15.94
CA GLU A 120 20.15 -13.08 -16.34
C GLU A 120 18.64 -12.94 -16.15
N LEU A 121 18.21 -11.88 -15.43
CA LEU A 121 16.80 -11.59 -15.22
C LEU A 121 16.81 -10.27 -14.46
N ASP A 122 15.95 -9.32 -14.82
CA ASP A 122 15.73 -8.16 -13.95
C ASP A 122 14.93 -8.67 -12.73
N GLN A 123 15.64 -9.19 -11.73
CA GLN A 123 15.00 -9.81 -10.54
C GLN A 123 14.14 -8.79 -9.75
N MET A 124 14.51 -7.51 -9.77
CA MET A 124 13.74 -6.54 -9.05
C MET A 124 12.33 -6.35 -9.63
N ASN A 125 12.25 -6.15 -10.97
CA ASN A 125 10.96 -6.14 -11.61
C ASN A 125 10.20 -7.44 -11.61
N ALA A 126 10.89 -8.58 -11.64
CA ALA A 126 10.24 -9.89 -11.54
C ALA A 126 9.45 -10.01 -10.21
N ALA A 127 10.03 -9.43 -9.14
CA ALA A 127 9.48 -9.55 -7.74
C ALA A 127 8.36 -8.58 -7.45
N LYS A 128 8.31 -7.47 -8.18
CA LYS A 128 7.36 -6.42 -7.90
C LYS A 128 5.93 -6.90 -7.69
N PRO A 129 5.40 -7.74 -8.60
CA PRO A 129 4.00 -8.11 -8.38
C PRO A 129 3.78 -8.97 -7.15
N TYR A 130 4.81 -9.56 -6.59
CA TYR A 130 4.59 -10.49 -5.50
C TYR A 130 5.00 -9.93 -4.09
N ALA A 131 5.38 -8.67 -4.03
CA ALA A 131 6.06 -8.17 -2.85
C ALA A 131 5.46 -6.80 -2.53
N LYS A 132 5.51 -6.42 -1.25
CA LYS A 132 5.12 -5.11 -0.82
C LYS A 132 6.05 -4.07 -1.44
N ALA A 133 7.36 -4.38 -1.57
CA ALA A 133 8.25 -3.50 -2.28
C ALA A 133 9.38 -4.32 -2.83
N ALA A 134 10.00 -3.88 -3.93
CA ALA A 134 11.18 -4.56 -4.44
C ALA A 134 12.25 -3.48 -4.55
N PHE A 135 13.40 -3.68 -3.90
CA PHE A 135 14.50 -2.70 -3.91
C PHE A 135 15.75 -3.26 -4.52
N ARG A 136 16.57 -2.45 -5.14
CA ARG A 136 17.86 -2.93 -5.63
C ARG A 136 18.93 -1.99 -5.27
N VAL A 137 20.06 -2.51 -4.81
CA VAL A 137 21.08 -1.64 -4.22
C VAL A 137 22.31 -1.61 -5.07
N ASN A 138 22.63 -0.45 -5.61
CA ASN A 138 23.82 -0.35 -6.44
C ASN A 138 25.10 0.16 -5.77
N GLN A 139 24.96 0.92 -4.70
CA GLN A 139 26.15 1.52 -4.04
C GLN A 139 26.26 0.97 -2.63
N PRO A 140 27.47 0.61 -2.19
CA PRO A 140 27.62 0.03 -0.84
C PRO A 140 27.12 0.97 0.28
N GLN A 141 27.20 2.28 0.06
CA GLN A 141 26.81 3.26 1.07
C GLN A 141 25.31 3.36 1.24
N ASP A 142 24.56 2.66 0.36
CA ASP A 142 23.09 2.69 0.38
C ASP A 142 22.56 1.42 1.00
N LEU A 143 23.45 0.47 1.33
CA LEU A 143 22.97 -0.78 1.87
C LEU A 143 22.22 -0.62 3.18
N GLY A 144 22.69 0.23 4.11
CA GLY A 144 22.01 0.26 5.41
C GLY A 144 20.64 0.85 5.24
N ILE A 145 20.51 1.86 4.40
CA ILE A 145 19.20 2.49 4.38
C ILE A 145 18.21 1.56 3.64
N ALA A 146 18.73 0.83 2.66
CA ALA A 146 17.93 -0.17 1.87
C ALA A 146 17.36 -1.25 2.81
N LEU A 147 18.19 -1.76 3.70
CA LEU A 147 17.71 -2.72 4.71
C LEU A 147 16.67 -2.13 5.67
N ALA A 148 16.88 -0.87 6.08
CA ALA A 148 15.93 -0.17 6.95
C ALA A 148 14.52 -0.06 6.33
N ARG A 149 14.44 0.39 5.08
CA ARG A 149 13.21 0.39 4.29
C ARG A 149 12.61 -1.00 4.19
N ALA A 150 13.43 -2.01 3.81
CA ALA A 150 12.91 -3.37 3.61
C ALA A 150 12.21 -3.83 4.87
N ILE A 151 12.91 -3.70 6.01
CA ILE A 151 12.37 -3.99 7.36
C ILE A 151 11.06 -3.24 7.62
N ARG A 152 11.04 -1.91 7.50
CA ARG A 152 9.82 -1.13 7.77
C ARG A 152 8.70 -1.52 6.85
N VAL A 153 9.01 -1.62 5.55
CA VAL A 153 7.98 -2.06 4.62
C VAL A 153 7.46 -3.45 5.00
N SER A 154 8.32 -4.37 5.34
CA SER A 154 7.88 -5.72 5.54
C SER A 154 6.88 -5.89 6.72
N VAL A 155 6.95 -4.99 7.71
CA VAL A 155 6.16 -5.09 8.91
C VAL A 155 5.08 -4.09 9.11
N SER A 156 5.04 -3.06 8.25
CA SER A 156 3.99 -2.05 8.41
C SER A 156 2.75 -2.47 7.65
N GLY A 157 1.62 -1.79 7.90
CA GLY A 157 0.37 -2.11 7.20
C GLY A 157 0.03 -3.56 7.40
N ARG A 158 -0.53 -4.19 6.37
CA ARG A 158 -0.64 -5.64 6.40
C ARG A 158 0.78 -6.16 6.07
N PRO A 159 1.42 -6.93 6.99
CA PRO A 159 2.82 -7.35 6.69
C PRO A 159 2.96 -8.14 5.39
N GLY A 160 4.15 -8.25 4.80
CA GLY A 160 4.28 -9.15 3.61
C GLY A 160 5.75 -9.22 3.25
N GLY A 161 6.03 -9.86 2.10
CA GLY A 161 7.39 -10.05 1.57
C GLY A 161 7.97 -8.78 0.99
N VAL A 162 9.25 -8.56 1.22
CA VAL A 162 9.92 -7.49 0.55
C VAL A 162 11.07 -8.08 -0.19
N TYR A 163 11.33 -7.57 -1.40
CA TYR A 163 12.51 -8.13 -2.08
C TYR A 163 13.69 -7.17 -2.05
N LEU A 164 14.86 -7.69 -1.66
CA LEU A 164 16.09 -6.87 -1.63
C LEU A 164 17.21 -7.46 -2.50
N ASP A 165 17.51 -6.76 -3.58
CA ASP A 165 18.39 -7.18 -4.64
C ASP A 165 19.79 -6.66 -4.44
N LEU A 166 20.75 -7.57 -4.37
CA LEU A 166 22.12 -7.18 -4.18
C LEU A 166 23.01 -7.60 -5.38
N PRO A 167 23.25 -6.66 -6.33
CA PRO A 167 24.03 -7.06 -7.50
C PRO A 167 25.39 -7.53 -7.07
N ALA A 168 25.97 -8.54 -7.75
CA ALA A 168 27.28 -9.03 -7.28
C ALA A 168 28.28 -7.92 -7.06
N ASN A 169 28.29 -6.95 -7.97
CA ASN A 169 29.20 -5.81 -7.81
C ASN A 169 29.10 -5.03 -6.47
N VAL A 170 27.90 -4.86 -5.92
CA VAL A 170 27.76 -4.09 -4.65
C VAL A 170 28.37 -4.85 -3.47
N LEU A 171 28.28 -6.16 -3.49
CA LEU A 171 28.85 -7.00 -2.40
C LEU A 171 30.38 -6.90 -2.38
N ALA A 172 30.96 -6.79 -3.57
CA ALA A 172 32.41 -6.63 -3.70
C ALA A 172 32.86 -5.15 -3.62
N ALA A 173 31.95 -4.19 -3.81
CA ALA A 173 32.33 -2.79 -3.78
C ALA A 173 32.88 -2.40 -2.38
N THR A 174 33.99 -1.64 -2.38
CA THR A 174 34.65 -1.25 -1.12
C THR A 174 34.32 0.19 -0.77
N MET A 175 34.35 0.46 0.53
CA MET A 175 34.45 1.83 0.98
C MET A 175 35.24 1.83 2.29
N GLU A 176 35.58 3.03 2.80
CA GLU A 176 36.31 3.12 4.08
C GLU A 176 35.45 2.63 5.23
N LYS A 177 36.06 1.83 6.10
CA LYS A 177 35.37 1.19 7.22
C LYS A 177 34.61 2.18 8.15
N ASP A 178 35.27 3.24 8.61
CA ASP A 178 34.62 4.22 9.50
C ASP A 178 33.45 4.91 8.84
N GLU A 179 33.61 5.31 7.59
CA GLU A 179 32.53 5.97 6.90
C GLU A 179 31.36 5.01 6.69
N ALA A 180 31.71 3.75 6.39
CA ALA A 180 30.76 2.62 6.26
C ALA A 180 29.86 2.46 7.49
N LEU A 181 30.46 2.54 8.69
CA LEU A 181 29.72 2.36 9.91
C LEU A 181 28.67 3.42 10.12
N THR A 182 28.91 4.59 9.52
CA THR A 182 28.02 5.72 9.67
C THR A 182 26.78 5.55 8.80
N THR A 183 26.85 4.67 7.77
CA THR A 183 25.72 4.48 6.84
C THR A 183 24.77 3.34 7.26
N ILE A 184 25.14 2.60 8.30
CA ILE A 184 24.25 1.55 8.89
C ILE A 184 23.08 2.17 9.69
N VAL A 185 21.85 1.68 9.49
CA VAL A 185 20.66 2.20 10.12
C VAL A 185 19.98 1.10 10.96
N LYS A 186 19.85 1.41 12.25
CA LYS A 186 19.18 0.57 13.20
C LYS A 186 17.77 1.14 13.31
N VAL A 187 16.80 0.35 12.88
CA VAL A 187 15.42 0.78 12.92
C VAL A 187 14.84 0.51 14.34
N GLU A 188 14.40 1.57 15.02
CA GLU A 188 13.61 1.42 16.23
C GLU A 188 12.10 1.49 15.88
N ASN A 189 11.35 0.59 16.49
CA ASN A 189 9.94 0.49 16.23
C ASN A 189 9.60 0.56 14.74
N PRO A 190 9.93 -0.53 14.00
CA PRO A 190 9.63 -0.55 12.58
C PRO A 190 8.13 -0.51 12.24
N SER A 191 7.23 -1.02 13.09
CA SER A 191 5.79 -0.81 12.83
C SER A 191 5.11 -0.04 13.94
N PRO A 192 4.89 1.26 13.71
CA PRO A 192 4.34 2.07 14.79
C PRO A 192 2.86 1.70 14.99
N ALA A 193 2.35 1.87 16.21
CA ALA A 193 0.94 1.70 16.52
C ALA A 193 0.11 2.73 15.76
N LEU A 194 -0.99 2.30 15.18
CA LEU A 194 -1.93 3.14 14.50
C LEU A 194 -3.30 3.06 15.19
N LEU A 195 -3.78 4.19 15.69
CA LEU A 195 -4.98 4.19 16.53
C LEU A 195 -6.22 4.48 15.76
N PRO A 196 -7.29 3.69 16.00
CA PRO A 196 -8.54 3.91 15.29
C PRO A 196 -9.25 5.23 15.64
N CYS A 197 -10.06 5.70 14.72
CA CYS A 197 -11.01 6.76 15.00
C CYS A 197 -11.84 6.38 16.26
N PRO A 198 -11.81 7.20 17.32
CA PRO A 198 -12.61 6.81 18.51
C PRO A 198 -14.14 6.69 18.22
N LYS A 199 -14.67 7.53 17.32
CA LYS A 199 -16.01 7.39 16.80
C LYS A 199 -16.31 5.96 16.28
N SER A 200 -15.37 5.36 15.53
CA SER A 200 -15.54 3.97 15.08
C SER A 200 -15.72 3.00 16.22
N VAL A 201 -14.88 3.20 17.24
CA VAL A 201 -14.90 2.34 18.40
C VAL A 201 -16.25 2.44 19.15
N THR A 202 -16.72 3.67 19.42
CA THR A 202 -17.97 3.82 20.09
C THR A 202 -19.12 3.25 19.23
N SER A 203 -19.08 3.41 17.92
CA SER A 203 -20.10 2.78 17.06
C SER A 203 -20.12 1.27 17.05
N ALA A 204 -18.92 0.67 17.18
CA ALA A 204 -18.76 -0.78 17.19
C ALA A 204 -19.37 -1.36 18.43
N ILE A 205 -19.02 -0.78 19.59
CA ILE A 205 -19.48 -1.31 20.86
C ILE A 205 -21.01 -1.17 20.93
N SER A 206 -21.50 -0.06 20.45
CA SER A 206 -22.93 0.18 20.43
C SER A 206 -23.70 -0.80 19.51
N LEU A 207 -23.13 -1.14 18.36
CA LEU A 207 -23.76 -2.13 17.51
C LEU A 207 -23.75 -3.51 18.19
N LEU A 208 -22.61 -3.87 18.78
CA LEU A 208 -22.53 -5.11 19.54
C LEU A 208 -23.52 -5.09 20.67
N ALA A 209 -23.63 -3.97 21.36
CA ALA A 209 -24.60 -3.91 22.47
C ALA A 209 -26.07 -4.03 22.02
N LYS A 210 -26.39 -3.64 20.78
CA LYS A 210 -27.71 -3.87 20.22
C LYS A 210 -27.92 -5.26 19.59
N ALA A 211 -26.85 -6.01 19.32
CA ALA A 211 -26.98 -7.33 18.68
C ALA A 211 -27.77 -8.33 19.52
N GLU A 212 -28.59 -9.13 18.86
CA GLU A 212 -29.24 -10.24 19.52
C GLU A 212 -28.39 -11.48 19.48
N ARG A 213 -27.55 -11.60 18.44
CA ARG A 213 -26.75 -12.79 18.19
C ARG A 213 -25.36 -12.37 17.67
N PRO A 214 -24.56 -11.71 18.53
CA PRO A 214 -23.25 -11.23 18.03
C PRO A 214 -22.23 -12.40 17.91
N LEU A 215 -21.27 -12.26 17.00
CA LEU A 215 -20.25 -13.32 16.74
C LEU A 215 -18.97 -12.61 16.44
N ILE A 216 -17.92 -12.99 17.15
CA ILE A 216 -16.58 -12.53 16.79
C ILE A 216 -15.89 -13.57 15.92
N ILE A 217 -15.20 -13.05 14.87
CA ILE A 217 -14.34 -13.92 14.06
C ILE A 217 -12.87 -13.53 14.19
N LEU A 218 -12.06 -14.49 14.66
CA LEU A 218 -10.60 -14.20 14.82
C LEU A 218 -9.82 -14.71 13.61
N GLY A 219 -9.20 -13.79 12.90
CA GLY A 219 -8.37 -14.18 11.76
C GLY A 219 -6.89 -14.28 12.06
N LYS A 220 -6.09 -14.55 11.03
CA LYS A 220 -4.70 -14.71 11.32
C LYS A 220 -4.05 -13.33 11.56
N GLY A 221 -4.68 -12.25 11.10
CA GLY A 221 -4.35 -10.89 11.56
C GLY A 221 -4.49 -10.71 13.08
N ALA A 222 -5.54 -11.26 13.68
CA ALA A 222 -5.66 -11.29 15.16
C ALA A 222 -4.55 -12.12 15.81
N ALA A 223 -4.19 -13.24 15.20
CA ALA A 223 -3.13 -14.08 15.81
C ALA A 223 -1.79 -13.37 15.70
N TYR A 224 -1.53 -12.77 14.53
CA TYR A 224 -0.28 -12.09 14.30
C TYR A 224 -0.10 -10.91 15.25
N SER A 225 -1.15 -10.15 15.52
CA SER A 225 -1.04 -8.98 16.38
C SER A 225 -0.53 -9.24 17.77
N GLN A 226 -0.61 -10.48 18.26
CA GLN A 226 -0.14 -10.78 19.62
C GLN A 226 -0.96 -10.07 20.74
N ALA A 227 -2.21 -9.73 20.45
CA ALA A 227 -3.10 -9.10 21.48
C ALA A 227 -3.90 -10.13 22.21
N ASP A 228 -3.32 -11.26 22.59
CA ASP A 228 -4.06 -12.42 23.11
C ASP A 228 -4.92 -12.12 24.37
N GLU A 229 -4.33 -11.35 25.28
CA GLU A 229 -4.96 -11.03 26.54
C GLU A 229 -6.10 -10.02 26.33
N GLN A 230 -5.93 -9.06 25.45
CA GLN A 230 -7.00 -8.09 25.19
C GLN A 230 -8.18 -8.72 24.46
N LEU A 231 -7.89 -9.65 23.51
CA LEU A 231 -8.95 -10.36 22.81
C LEU A 231 -9.65 -11.25 23.82
N ARG A 232 -8.90 -11.90 24.67
CA ARG A 232 -9.57 -12.81 25.62
C ARG A 232 -10.47 -12.02 26.64
N GLU A 233 -9.95 -10.93 27.20
CA GLU A 233 -10.72 -10.14 28.15
C GLU A 233 -11.95 -9.54 27.52
N PHE A 234 -11.83 -9.08 26.27
CA PHE A 234 -12.98 -8.55 25.54
C PHE A 234 -14.01 -9.63 25.34
N ILE A 235 -13.59 -10.77 24.82
CA ILE A 235 -14.51 -11.84 24.62
C ILE A 235 -15.19 -12.30 25.96
N GLU A 236 -14.42 -12.47 27.02
CA GLU A 236 -14.93 -13.04 28.27
C GLU A 236 -15.79 -12.05 29.06
N SER A 237 -15.49 -10.77 28.92
CA SER A 237 -16.23 -9.75 29.58
C SER A 237 -17.63 -9.66 29.07
N ALA A 238 -17.83 -9.66 27.75
CA ALA A 238 -19.17 -9.51 27.23
C ALA A 238 -19.74 -10.88 26.89
N GLN A 239 -18.96 -11.93 27.09
CA GLN A 239 -19.39 -13.29 26.74
C GLN A 239 -19.86 -13.42 25.26
N ILE A 240 -19.05 -12.92 24.33
CA ILE A 240 -19.33 -13.02 22.88
C ILE A 240 -18.72 -14.32 22.31
N PRO A 241 -19.57 -15.22 21.78
CA PRO A 241 -19.12 -16.40 21.09
C PRO A 241 -18.16 -16.00 19.92
N PHE A 242 -17.13 -16.82 19.71
CA PHE A 242 -16.11 -16.43 18.76
C PHE A 242 -15.82 -17.63 17.87
N LEU A 243 -15.50 -17.32 16.60
CA LEU A 243 -14.98 -18.33 15.70
C LEU A 243 -13.51 -18.09 15.36
N PRO A 244 -12.61 -19.02 15.70
CA PRO A 244 -11.23 -18.82 15.16
C PRO A 244 -11.00 -19.37 13.74
N MET A 245 -10.43 -18.56 12.85
CA MET A 245 -9.95 -19.11 11.58
C MET A 245 -8.78 -19.99 11.91
N SER A 246 -8.36 -20.81 10.95
CA SER A 246 -7.34 -21.86 11.17
C SER A 246 -6.16 -21.44 12.04
N MET A 247 -5.44 -20.39 11.63
CA MET A 247 -4.20 -20.04 12.31
C MET A 247 -4.43 -19.06 13.47
N ALA A 248 -5.69 -18.80 13.76
CA ALA A 248 -6.13 -18.10 14.96
C ALA A 248 -6.56 -19.11 16.04
N LYS A 249 -6.60 -20.39 15.73
CA LYS A 249 -6.94 -21.38 16.74
C LYS A 249 -5.88 -21.30 17.82
N GLY A 250 -6.34 -21.30 19.06
CA GLY A 250 -5.46 -21.21 20.19
C GLY A 250 -5.22 -19.86 20.85
N ILE A 251 -5.55 -18.71 20.19
CA ILE A 251 -5.49 -17.38 20.88
C ILE A 251 -6.26 -17.52 22.19
N LEU A 252 -7.51 -17.98 22.08
CA LEU A 252 -8.15 -18.66 23.21
C LEU A 252 -8.14 -20.16 22.86
N GLU A 253 -8.08 -21.02 23.87
CA GLU A 253 -8.07 -22.44 23.64
C GLU A 253 -9.28 -22.88 22.89
N ASP A 254 -9.11 -23.91 22.05
CA ASP A 254 -10.21 -24.31 21.18
C ASP A 254 -11.37 -24.92 21.94
N THR A 255 -11.07 -25.46 23.13
CA THR A 255 -12.08 -26.03 24.06
C THR A 255 -12.81 -24.98 24.93
N HIS A 256 -12.53 -23.70 24.69
CA HIS A 256 -13.15 -22.64 25.43
C HIS A 256 -14.67 -22.69 25.26
N PRO A 257 -15.41 -22.54 26.38
CA PRO A 257 -16.85 -22.65 26.31
C PRO A 257 -17.48 -21.67 25.31
N LEU A 258 -16.85 -20.55 25.02
CA LEU A 258 -17.43 -19.61 24.07
C LEU A 258 -17.05 -19.86 22.62
N SER A 259 -16.15 -20.83 22.34
CA SER A 259 -15.87 -21.14 20.92
C SER A 259 -17.09 -21.66 20.19
N ALA A 260 -17.47 -21.01 19.08
CA ALA A 260 -18.56 -21.54 18.24
C ALA A 260 -18.08 -22.49 17.11
N ALA A 261 -16.80 -22.84 17.13
CA ALA A 261 -16.27 -23.73 16.09
C ALA A 261 -17.10 -24.96 15.77
N ALA A 262 -17.56 -25.69 16.78
CA ALA A 262 -18.37 -26.91 16.61
C ALA A 262 -19.70 -26.61 15.94
N ALA A 263 -20.09 -25.34 15.85
CA ALA A 263 -21.33 -24.96 15.14
C ALA A 263 -21.10 -23.81 14.20
N ARG A 264 -19.98 -23.88 13.47
CA ARG A 264 -19.60 -22.85 12.55
C ARG A 264 -20.69 -22.43 11.58
N SER A 265 -21.27 -23.37 10.82
CA SER A 265 -22.22 -22.91 9.78
C SER A 265 -23.48 -22.40 10.42
N PHE A 266 -23.89 -22.98 11.56
CA PHE A 266 -25.05 -22.42 12.27
C PHE A 266 -24.75 -20.97 12.70
N ALA A 267 -23.61 -20.78 13.40
CA ALA A 267 -23.16 -19.45 13.83
C ALA A 267 -23.18 -18.44 12.73
N LEU A 268 -22.61 -18.76 11.56
CA LEU A 268 -22.57 -17.77 10.48
C LEU A 268 -23.91 -17.52 9.86
N ALA A 269 -24.70 -18.58 9.72
CA ALA A 269 -26.02 -18.45 9.14
C ALA A 269 -26.97 -17.59 10.01
N ASN A 270 -26.73 -17.58 11.32
CA ASN A 270 -27.65 -16.95 12.30
C ASN A 270 -27.19 -15.72 13.08
N ALA A 271 -25.92 -15.34 12.97
CA ALA A 271 -25.43 -14.15 13.68
C ALA A 271 -26.05 -12.94 13.02
N ASP A 272 -26.41 -11.93 13.81
CA ASP A 272 -26.95 -10.71 13.23
C ASP A 272 -25.87 -9.62 13.12
N VAL A 273 -24.89 -9.69 14.01
CA VAL A 273 -23.79 -8.74 14.05
C VAL A 273 -22.49 -9.54 14.14
N VAL A 274 -21.59 -9.32 13.18
CA VAL A 274 -20.35 -10.08 13.14
C VAL A 274 -19.15 -9.14 13.14
N MET A 275 -18.23 -9.38 14.08
CA MET A 275 -17.05 -8.58 14.27
C MET A 275 -15.87 -9.36 13.77
N LEU A 276 -15.35 -8.92 12.65
CA LEU A 276 -14.20 -9.51 12.03
C LEU A 276 -12.97 -8.90 12.68
N VAL A 277 -12.08 -9.76 13.16
CA VAL A 277 -10.83 -9.23 13.74
C VAL A 277 -9.62 -9.81 12.98
N GLY A 278 -8.98 -8.95 12.19
CA GLY A 278 -7.94 -9.34 11.24
C GLY A 278 -8.32 -10.56 10.42
N ALA A 279 -9.50 -10.54 9.80
CA ALA A 279 -10.03 -11.70 9.06
C ALA A 279 -10.73 -11.18 7.82
N ARG A 280 -10.31 -11.65 6.67
CA ARG A 280 -10.81 -11.07 5.46
C ARG A 280 -12.05 -11.83 5.03
N LEU A 281 -12.98 -11.10 4.41
CA LEU A 281 -14.17 -11.75 3.84
C LEU A 281 -13.86 -12.26 2.41
N ASN A 282 -12.88 -13.15 2.35
CA ASN A 282 -12.39 -13.76 1.17
C ASN A 282 -13.00 -15.16 1.11
N TRP A 283 -12.48 -16.02 0.22
CA TRP A 283 -13.13 -17.30 -0.05
C TRP A 283 -13.22 -18.20 1.20
N LEU A 284 -12.29 -18.05 2.16
CA LEU A 284 -12.33 -18.90 3.37
C LEU A 284 -13.58 -18.56 4.21
N LEU A 285 -14.17 -17.38 3.94
CA LEU A 285 -15.44 -17.00 4.56
C LEU A 285 -16.55 -16.93 3.56
N ALA A 286 -16.34 -17.56 2.40
CA ALA A 286 -17.35 -17.57 1.33
C ALA A 286 -17.80 -16.14 0.99
N HIS A 287 -16.91 -15.16 1.19
CA HIS A 287 -17.15 -13.75 0.76
C HIS A 287 -18.31 -13.07 1.51
N GLY A 288 -18.74 -13.68 2.60
CA GLY A 288 -19.84 -13.12 3.39
C GLY A 288 -21.15 -13.40 2.69
N LYS A 289 -21.13 -14.28 1.68
CA LYS A 289 -22.31 -14.52 0.80
C LYS A 289 -23.00 -15.83 1.17
N LYS A 290 -22.66 -16.91 0.47
CA LYS A 290 -23.19 -18.26 0.74
C LYS A 290 -23.01 -18.75 2.20
N GLY A 291 -24.13 -19.09 2.82
CA GLY A 291 -24.10 -19.59 4.21
C GLY A 291 -24.23 -18.53 5.32
N TRP A 292 -24.49 -17.28 4.93
CA TRP A 292 -24.62 -16.17 5.84
C TRP A 292 -26.04 -15.65 5.74
N ALA A 293 -26.47 -15.03 6.85
CA ALA A 293 -27.74 -14.35 6.91
C ALA A 293 -27.73 -13.26 5.86
N ALA A 294 -28.92 -12.90 5.41
CA ALA A 294 -29.03 -12.09 4.23
C ALA A 294 -28.65 -10.68 4.61
N ASP A 295 -28.77 -10.36 5.91
CA ASP A 295 -28.57 -8.99 6.38
C ASP A 295 -27.62 -8.85 7.59
N THR A 296 -26.69 -9.80 7.72
CA THR A 296 -25.59 -9.66 8.66
C THR A 296 -25.04 -8.26 8.62
N GLN A 297 -24.86 -7.68 9.79
CA GLN A 297 -24.12 -6.39 9.86
C GLN A 297 -22.73 -6.65 10.39
N PHE A 298 -21.73 -6.03 9.75
CA PHE A 298 -20.34 -6.32 10.06
C PHE A 298 -19.65 -5.14 10.71
N ILE A 299 -18.83 -5.49 11.67
CA ILE A 299 -17.79 -4.61 12.20
C ILE A 299 -16.50 -5.28 11.76
N GLN A 300 -15.60 -4.45 11.22
CA GLN A 300 -14.34 -4.99 10.78
C GLN A 300 -13.13 -4.28 11.32
N LEU A 301 -12.38 -4.98 12.17
CA LEU A 301 -11.06 -4.46 12.59
C LEU A 301 -9.97 -4.97 11.66
N ASP A 302 -9.34 -4.05 10.95
CA ASP A 302 -8.23 -4.37 10.06
C ASP A 302 -7.31 -3.17 9.96
N ILE A 303 -6.04 -3.42 9.73
CA ILE A 303 -5.06 -2.33 9.61
C ILE A 303 -5.03 -1.64 8.26
N GLU A 304 -5.60 -2.29 7.25
CA GLU A 304 -5.50 -1.88 5.91
C GLU A 304 -6.87 -1.32 5.54
N PRO A 305 -6.97 0.04 5.37
CA PRO A 305 -8.25 0.56 4.90
C PRO A 305 -8.68 -0.02 3.51
N GLN A 306 -7.71 -0.43 2.70
CA GLN A 306 -8.00 -0.94 1.30
C GLN A 306 -8.89 -2.16 1.28
N GLU A 307 -8.83 -2.92 2.38
CA GLU A 307 -9.63 -4.12 2.57
C GLU A 307 -11.13 -3.85 2.94
N ILE A 308 -11.43 -2.66 3.42
CA ILE A 308 -12.78 -2.34 3.82
C ILE A 308 -13.66 -2.22 2.55
N ASP A 309 -14.85 -2.85 2.58
CA ASP A 309 -15.82 -2.89 1.45
C ASP A 309 -15.27 -3.67 0.27
N SER A 310 -14.47 -4.69 0.53
CA SER A 310 -13.89 -5.41 -0.57
C SER A 310 -14.95 -6.34 -1.17
N ASN A 311 -15.78 -6.92 -0.27
CA ASN A 311 -16.77 -7.95 -0.64
C ASN A 311 -18.18 -7.50 -0.27
N ARG A 312 -18.51 -7.50 1.03
CA ARG A 312 -19.78 -6.94 1.53
C ARG A 312 -19.62 -5.53 2.07
N PRO A 313 -20.68 -4.70 1.99
CA PRO A 313 -20.49 -3.42 2.70
C PRO A 313 -20.35 -3.64 4.21
N ILE A 314 -19.43 -2.90 4.83
CA ILE A 314 -19.06 -3.05 6.23
C ILE A 314 -19.75 -1.96 6.99
N ALA A 315 -20.64 -2.35 7.91
CA ALA A 315 -21.36 -1.37 8.70
C ALA A 315 -20.40 -0.49 9.51
N VAL A 316 -19.47 -1.10 10.28
CA VAL A 316 -18.56 -0.28 11.11
C VAL A 316 -17.12 -0.74 10.92
N PRO A 317 -16.41 -0.09 10.01
CA PRO A 317 -14.96 -0.30 9.94
C PRO A 317 -14.22 0.21 11.19
N VAL A 318 -13.19 -0.51 11.62
CA VAL A 318 -12.37 0.00 12.73
C VAL A 318 -10.94 -0.16 12.23
N VAL A 319 -10.47 0.88 11.55
CA VAL A 319 -9.18 0.89 10.93
C VAL A 319 -8.06 1.31 11.87
N GLY A 320 -7.15 0.36 12.11
CA GLY A 320 -5.95 0.64 12.84
C GLY A 320 -5.28 -0.69 13.19
N ASP A 321 -4.17 -0.68 13.89
CA ASP A 321 -3.55 -1.94 14.24
C ASP A 321 -4.46 -2.63 15.26
N ILE A 322 -4.51 -3.96 15.21
CA ILE A 322 -5.43 -4.73 15.98
C ILE A 322 -5.23 -4.62 17.49
N ALA A 323 -3.99 -4.57 17.97
CA ALA A 323 -3.72 -4.30 19.40
C ALA A 323 -4.25 -2.99 19.88
N SER A 324 -3.99 -1.90 19.14
CA SER A 324 -4.50 -0.57 19.52
C SER A 324 -6.03 -0.51 19.43
N SER A 325 -6.63 -1.17 18.42
CA SER A 325 -8.06 -1.12 18.30
C SER A 325 -8.70 -1.88 19.41
N MET A 326 -8.15 -3.05 19.76
CA MET A 326 -8.65 -3.83 20.88
C MET A 326 -8.50 -3.12 22.24
N GLN A 327 -7.47 -2.27 22.36
CA GLN A 327 -7.28 -1.49 23.56
C GLN A 327 -8.40 -0.47 23.70
N GLY A 328 -8.70 0.25 22.60
CA GLY A 328 -9.87 1.18 22.50
C GLY A 328 -11.23 0.50 22.69
N MET A 329 -11.37 -0.70 22.10
CA MET A 329 -12.66 -1.41 22.22
C MET A 329 -12.93 -1.80 23.67
N LEU A 330 -11.90 -2.30 24.35
CA LEU A 330 -12.03 -2.70 25.72
C LEU A 330 -12.35 -1.44 26.63
N ALA A 331 -11.63 -0.34 26.46
CA ALA A 331 -11.92 0.87 27.21
C ALA A 331 -13.33 1.42 26.96
N GLU A 332 -13.82 1.33 25.71
CA GLU A 332 -15.19 1.72 25.45
C GLU A 332 -16.21 0.76 26.05
N LEU A 333 -15.86 -0.53 26.09
CA LEU A 333 -16.75 -1.55 26.66
C LEU A 333 -16.92 -1.28 28.16
N LYS A 334 -15.80 -1.06 28.84
CA LYS A 334 -15.74 -0.80 30.27
C LYS A 334 -16.58 0.42 30.64
N GLN A 335 -16.61 1.40 29.76
CA GLN A 335 -17.51 2.50 29.94
C GLN A 335 -18.98 2.14 29.68
N ASN A 336 -19.25 1.21 28.76
CA ASN A 336 -20.62 0.87 28.33
C ASN A 336 -20.80 -0.66 28.21
N THR A 337 -20.95 -1.30 29.36
CA THR A 337 -20.94 -2.73 29.44
C THR A 337 -22.19 -3.31 28.84
N PHE A 338 -22.07 -4.60 28.52
CA PHE A 338 -23.18 -5.36 27.96
C PHE A 338 -22.77 -6.80 28.00
N THR A 339 -23.76 -7.65 27.90
CA THR A 339 -23.54 -9.07 28.03
C THR A 339 -24.33 -9.58 26.91
N THR A 340 -23.73 -10.47 26.09
CA THR A 340 -24.46 -11.15 25.04
C THR A 340 -25.65 -11.88 25.61
N PRO A 341 -26.79 -11.90 24.89
CA PRO A 341 -27.93 -12.68 25.41
C PRO A 341 -27.63 -14.14 25.67
N LEU A 342 -28.06 -14.57 26.84
CA LEU A 342 -27.92 -15.96 27.21
C LEU A 342 -28.58 -16.91 26.20
N VAL A 343 -29.78 -16.60 25.73
CA VAL A 343 -30.47 -17.44 24.75
C VAL A 343 -29.59 -17.82 23.52
N TRP A 344 -28.86 -16.85 22.95
CA TRP A 344 -27.97 -17.06 21.80
C TRP A 344 -26.85 -17.99 22.19
N ARG A 345 -26.21 -17.73 23.32
CA ARG A 345 -25.20 -18.65 23.78
C ARG A 345 -25.73 -20.06 23.96
N ASP A 346 -26.90 -20.20 24.62
CA ASP A 346 -27.56 -21.49 24.84
C ASP A 346 -27.96 -22.15 23.56
N ILE A 347 -28.47 -21.41 22.58
CA ILE A 347 -28.85 -22.12 21.34
C ILE A 347 -27.59 -22.56 20.51
N LEU A 348 -26.58 -21.67 20.33
CA LEU A 348 -25.24 -22.13 19.85
C LEU A 348 -24.77 -23.43 20.49
N ASN A 349 -24.81 -23.46 21.82
CA ASN A 349 -24.36 -24.64 22.57
C ASN A 349 -25.12 -25.96 22.23
N ILE A 350 -26.40 -25.83 21.88
CA ILE A 350 -27.23 -26.95 21.43
C ILE A 350 -26.75 -27.49 20.08
N HIS A 351 -26.40 -26.58 19.19
CA HIS A 351 -25.89 -27.00 17.93
C HIS A 351 -24.47 -27.54 18.00
N LYS A 352 -23.72 -27.02 18.96
CA LYS A 352 -22.31 -27.40 19.14
C LYS A 352 -22.36 -28.80 19.61
N GLN A 353 -23.33 -29.05 20.47
CA GLN A 353 -23.51 -30.38 21.07
C GLN A 353 -23.93 -31.43 20.03
N GLN A 354 -24.94 -31.17 19.20
CA GLN A 354 -25.31 -32.11 18.09
C GLN A 354 -24.09 -32.46 17.23
N ASN A 355 -23.30 -31.45 16.83
CA ASN A 355 -22.11 -31.64 16.01
C ASN A 355 -20.99 -32.36 16.74
N ALA A 356 -20.75 -31.97 17.98
CA ALA A 356 -19.73 -32.64 18.78
C ALA A 356 -20.00 -34.16 18.97
N GLN A 357 -21.27 -34.52 19.16
CA GLN A 357 -21.70 -35.92 19.25
C GLN A 357 -21.52 -36.67 17.92
N LYS A 358 -21.92 -36.09 16.80
CA LYS A 358 -21.68 -36.71 15.48
C LYS A 358 -20.17 -37.01 15.25
N MET A 359 -19.31 -36.03 15.56
CA MET A 359 -17.85 -36.12 15.43
C MET A 359 -17.25 -37.21 16.34
N HIS A 360 -17.84 -37.36 17.53
CA HIS A 360 -17.38 -38.34 18.53
C HIS A 360 -17.59 -39.79 18.08
N GLU A 361 -18.69 -40.11 17.38
CA GLU A 361 -18.86 -41.49 16.90
C GLU A 361 -17.65 -41.77 16.01
N LYS A 362 -17.47 -40.97 14.95
CA LYS A 362 -16.34 -41.08 13.99
C LYS A 362 -14.94 -41.18 14.63
N LEU A 363 -14.64 -40.28 15.56
CA LEU A 363 -13.36 -40.27 16.28
C LEU A 363 -13.12 -41.57 16.99
N SER A 364 -14.15 -42.07 17.66
CA SER A 364 -13.94 -43.13 18.62
C SER A 364 -14.16 -44.53 17.98
N THR A 365 -14.57 -44.58 16.72
CA THR A 365 -14.84 -45.88 16.15
C THR A 365 -13.59 -46.43 15.41
N ASP A 366 -13.02 -47.51 15.94
CA ASP A 366 -11.99 -48.29 15.22
C ASP A 366 -12.35 -48.83 13.83
N THR A 367 -11.36 -48.84 12.92
CA THR A 367 -11.51 -49.34 11.54
C THR A 367 -10.13 -49.83 11.14
N GLN A 368 -10.15 -50.80 10.25
CA GLN A 368 -8.95 -51.38 9.65
C GLN A 368 -9.27 -51.48 8.16
N PRO A 369 -8.62 -50.65 7.32
CA PRO A 369 -7.60 -49.70 7.70
C PRO A 369 -8.11 -48.49 8.49
N LEU A 370 -7.18 -47.75 9.07
CA LEU A 370 -7.46 -46.50 9.78
C LEU A 370 -8.08 -45.50 8.83
N ASN A 371 -8.92 -44.64 9.37
CA ASN A 371 -9.43 -43.50 8.60
C ASN A 371 -8.96 -42.17 9.17
N TYR A 372 -9.42 -41.04 8.63
CA TYR A 372 -8.88 -39.75 9.14
C TYR A 372 -9.25 -39.51 10.59
N PHE A 373 -10.45 -39.92 10.95
CA PHE A 373 -11.06 -39.60 12.23
C PHE A 373 -10.48 -40.35 13.40
N ASN A 374 -10.38 -41.66 13.28
CA ASN A 374 -9.75 -42.39 14.36
C ASN A 374 -8.26 -42.19 14.41
N ALA A 375 -7.59 -42.04 13.24
CA ALA A 375 -6.16 -41.69 13.29
C ALA A 375 -5.91 -40.36 13.97
N LEU A 376 -6.67 -39.33 13.61
CA LEU A 376 -6.48 -38.02 14.24
C LEU A 376 -6.89 -37.92 15.70
N SER A 377 -7.88 -38.71 16.08
CA SER A 377 -8.23 -38.85 17.51
C SER A 377 -7.07 -39.37 18.30
N ALA A 378 -6.36 -40.38 17.81
CA ALA A 378 -5.11 -40.81 18.43
C ALA A 378 -4.02 -39.71 18.49
N VAL A 379 -3.87 -38.92 17.41
CA VAL A 379 -2.91 -37.80 17.42
C VAL A 379 -3.31 -36.71 18.47
N ARG A 380 -4.59 -36.35 18.46
CA ARG A 380 -5.14 -35.43 19.44
C ARG A 380 -4.88 -35.91 20.90
N ASP A 381 -5.16 -37.16 21.19
CA ASP A 381 -4.85 -37.67 22.52
C ASP A 381 -3.41 -37.47 22.88
N VAL A 382 -2.50 -37.60 21.91
CA VAL A 382 -1.08 -37.39 22.24
C VAL A 382 -0.77 -35.91 22.45
N LEU A 383 -1.34 -35.07 21.58
CA LEU A 383 -1.02 -33.62 21.58
C LEU A 383 -1.60 -32.94 22.79
N ARG A 384 -2.76 -33.41 23.29
CA ARG A 384 -3.32 -32.83 24.54
C ARG A 384 -2.34 -32.88 25.70
N GLU A 385 -1.44 -33.86 25.68
CA GLU A 385 -0.40 -34.01 26.72
C GLU A 385 0.93 -33.26 26.43
N ASN A 386 1.00 -32.62 25.26
CA ASN A 386 2.23 -31.91 24.82
C ASN A 386 1.89 -30.53 24.29
N GLN A 387 1.28 -29.70 25.13
CA GLN A 387 0.76 -28.43 24.70
C GLN A 387 1.83 -27.37 24.31
N ASP A 388 3.11 -27.71 24.51
CA ASP A 388 4.27 -26.89 24.01
C ASP A 388 4.70 -27.12 22.52
N ILE A 389 3.93 -27.89 21.73
CA ILE A 389 4.43 -28.21 20.44
C ILE A 389 3.91 -27.14 19.45
N TYR A 390 4.55 -27.07 18.31
CA TYR A 390 4.02 -26.40 17.13
C TYR A 390 3.37 -27.41 16.23
N LEU A 391 2.26 -27.05 15.63
CA LEU A 391 1.58 -27.96 14.72
C LEU A 391 1.71 -27.41 13.31
N VAL A 392 2.33 -28.17 12.43
CA VAL A 392 2.31 -27.87 10.99
C VAL A 392 1.33 -28.80 10.29
N ASN A 393 0.59 -28.30 9.31
CA ASN A 393 -0.46 -29.17 8.73
C ASN A 393 -0.72 -28.80 7.25
N GLU A 394 -0.77 -29.80 6.37
CA GLU A 394 -1.12 -29.53 4.96
C GLU A 394 -1.59 -30.83 4.32
N GLY A 395 -2.34 -30.65 3.22
CA GLY A 395 -2.95 -31.77 2.47
C GLY A 395 -4.37 -31.34 2.18
N ALA A 396 -5.28 -32.29 1.95
CA ALA A 396 -6.65 -31.91 1.71
C ALA A 396 -7.52 -32.50 2.84
N ASN A 397 -7.88 -33.79 2.77
CA ASN A 397 -8.57 -34.43 3.87
C ASN A 397 -7.69 -34.30 5.08
N THR A 398 -6.38 -34.37 4.86
CA THR A 398 -5.44 -34.33 5.98
C THR A 398 -5.46 -32.96 6.67
N LEU A 399 -5.62 -31.90 5.88
CA LEU A 399 -5.67 -30.58 6.39
C LEU A 399 -7.06 -30.38 7.04
N ASP A 400 -8.16 -30.66 6.36
CA ASP A 400 -9.44 -30.21 6.91
C ASP A 400 -9.80 -30.96 8.17
N ASN A 401 -9.53 -32.26 8.21
CA ASN A 401 -9.80 -33.09 9.40
C ASN A 401 -8.92 -32.74 10.57
N ALA A 402 -7.57 -32.60 10.39
CA ALA A 402 -6.71 -32.12 11.49
C ALA A 402 -7.13 -30.76 12.04
N ARG A 403 -7.54 -29.84 11.16
CA ARG A 403 -7.98 -28.51 11.57
C ARG A 403 -9.20 -28.54 12.44
N ASN A 404 -10.15 -29.42 12.10
CA ASN A 404 -11.34 -29.57 12.94
C ASN A 404 -11.09 -30.34 14.21
N ILE A 405 -10.19 -31.27 14.16
CA ILE A 405 -10.08 -32.26 15.25
C ILE A 405 -8.97 -31.91 16.27
N ILE A 406 -7.82 -31.41 15.80
CA ILE A 406 -6.73 -31.10 16.75
C ILE A 406 -6.96 -29.71 17.39
N ASP A 407 -7.31 -29.71 18.67
CA ASP A 407 -7.43 -28.46 19.44
C ASP A 407 -6.10 -27.80 19.69
N MET A 408 -6.07 -26.51 19.46
CA MET A 408 -4.94 -25.71 19.91
C MET A 408 -5.20 -25.08 21.28
N TYR A 409 -4.16 -25.06 22.12
CA TYR A 409 -4.21 -24.53 23.49
C TYR A 409 -3.48 -23.22 23.71
N LYS A 410 -2.55 -22.90 22.80
CA LYS A 410 -1.72 -21.70 22.85
C LYS A 410 -1.74 -21.00 21.50
N PRO A 411 -1.57 -19.65 21.49
CA PRO A 411 -1.63 -18.91 20.23
C PRO A 411 -0.44 -19.20 19.33
N ARG A 412 -0.63 -18.97 18.01
CA ARG A 412 0.47 -18.99 17.02
C ARG A 412 1.27 -20.28 17.10
N ARG A 413 0.56 -21.42 17.17
CA ARG A 413 1.20 -22.74 17.23
C ARG A 413 0.83 -23.56 16.00
N ARG A 414 -0.12 -23.06 15.21
CA ARG A 414 -0.60 -23.78 14.06
C ARG A 414 -0.18 -23.06 12.77
N LEU A 415 0.44 -23.81 11.87
CA LEU A 415 0.93 -23.21 10.60
C LEU A 415 0.46 -24.02 9.42
N ASP A 416 -0.25 -23.44 8.44
CA ASP A 416 -0.76 -24.35 7.38
C ASP A 416 -0.78 -23.79 5.97
N CYS A 417 -1.48 -24.46 5.05
CA CYS A 417 -1.55 -24.06 3.64
C CYS A 417 -1.94 -22.61 3.40
N GLY A 418 -2.70 -22.05 4.35
CA GLY A 418 -3.03 -20.63 4.31
C GLY A 418 -3.94 -20.15 3.19
N THR A 419 -3.82 -18.86 2.90
CA THR A 419 -4.75 -18.18 2.00
C THR A 419 -4.73 -18.71 0.55
N TRP A 420 -3.56 -19.15 0.09
CA TRP A 420 -3.49 -19.69 -1.27
C TRP A 420 -3.59 -21.17 -1.36
N GLY A 421 -3.80 -21.83 -0.25
CA GLY A 421 -3.92 -23.30 -0.25
C GLY A 421 -2.69 -24.02 -0.79
N VAL A 422 -1.49 -23.54 -0.45
CA VAL A 422 -0.25 -24.09 -0.96
C VAL A 422 0.07 -25.41 -0.36
N MET A 423 0.23 -26.40 -1.22
CA MET A 423 0.94 -27.61 -0.82
C MET A 423 2.43 -27.34 -0.96
N GLY A 424 3.20 -27.65 0.11
CA GLY A 424 4.66 -27.64 0.08
C GLY A 424 5.24 -26.71 1.12
N ILE A 425 4.40 -26.12 1.97
CA ILE A 425 4.83 -25.29 3.15
C ILE A 425 5.33 -26.10 4.36
N GLY A 426 5.09 -27.40 4.35
CA GLY A 426 5.20 -28.27 5.55
C GLY A 426 6.57 -28.24 6.10
N MET A 427 7.58 -28.65 5.33
CA MET A 427 8.96 -28.71 5.90
C MET A 427 9.52 -27.32 6.20
N GLY A 428 9.29 -26.34 5.31
CA GLY A 428 9.70 -24.96 5.60
C GLY A 428 9.15 -24.46 6.92
N TYR A 429 7.84 -24.64 7.09
CA TYR A 429 7.17 -24.19 8.32
C TYR A 429 7.70 -24.91 9.53
N ALA A 430 7.90 -26.21 9.44
CA ALA A 430 8.38 -27.00 10.56
C ALA A 430 9.77 -26.50 10.99
N ILE A 431 10.68 -26.34 10.01
CA ILE A 431 12.02 -25.78 10.23
C ILE A 431 11.97 -24.38 10.78
N GLY A 432 11.25 -23.41 10.15
CA GLY A 432 11.22 -22.05 10.76
C GLY A 432 10.63 -22.03 12.17
N ALA A 433 9.62 -22.87 12.41
CA ALA A 433 8.98 -22.91 13.73
C ALA A 433 9.93 -23.50 14.77
N SER A 434 10.59 -24.63 14.46
CA SER A 434 11.55 -25.11 15.46
C SER A 434 12.79 -24.27 15.67
N VAL A 435 13.37 -23.78 14.58
CA VAL A 435 14.53 -22.90 14.72
C VAL A 435 14.19 -21.65 15.56
N THR A 436 13.06 -21.04 15.24
CA THR A 436 12.55 -19.84 15.91
C THR A 436 12.30 -20.05 17.43
N SER A 437 11.43 -21.03 17.72
CA SER A 437 11.02 -21.35 19.08
C SER A 437 11.95 -22.22 19.94
N GLY A 438 12.69 -23.15 19.36
CA GLY A 438 13.45 -24.08 20.20
C GLY A 438 12.56 -25.23 20.67
N SER A 439 11.33 -25.25 20.17
CA SER A 439 10.36 -26.25 20.58
C SER A 439 10.17 -27.37 19.54
N PRO A 440 9.60 -28.50 20.00
CA PRO A 440 9.21 -29.58 19.11
C PRO A 440 8.05 -29.16 18.21
N VAL A 441 8.07 -29.76 17.03
CA VAL A 441 7.08 -29.55 15.99
C VAL A 441 6.54 -30.91 15.61
N VAL A 442 5.24 -30.94 15.34
CA VAL A 442 4.61 -32.11 14.73
C VAL A 442 4.02 -31.60 13.44
N ALA A 443 4.42 -32.20 12.31
CA ALA A 443 3.80 -31.90 11.02
C ALA A 443 2.87 -33.04 10.58
N ILE A 444 1.60 -32.71 10.42
CA ILE A 444 0.61 -33.66 9.95
C ILE A 444 0.40 -33.36 8.49
N GLU A 445 0.94 -34.28 7.67
CA GLU A 445 1.10 -34.19 6.22
C GLU A 445 0.32 -35.18 5.43
N GLY A 446 -0.45 -34.70 4.49
CA GLY A 446 -0.92 -35.54 3.42
C GLY A 446 0.27 -36.08 2.67
N ASP A 447 0.14 -37.28 2.05
CA ASP A 447 1.27 -37.83 1.31
C ASP A 447 1.58 -37.02 0.03
N SER A 448 0.58 -36.51 -0.66
CA SER A 448 0.86 -35.66 -1.82
C SER A 448 1.50 -34.36 -1.36
N ALA A 449 0.89 -33.71 -0.36
CA ALA A 449 1.51 -32.51 0.25
C ALA A 449 2.98 -32.69 0.59
N PHE A 450 3.33 -33.78 1.32
CA PHE A 450 4.70 -33.99 1.74
C PHE A 450 5.70 -34.01 0.57
N GLY A 451 5.30 -34.62 -0.52
CA GLY A 451 6.27 -34.77 -1.61
C GLY A 451 6.69 -33.42 -2.19
N PHE A 452 5.95 -32.35 -1.93
CA PHE A 452 6.33 -31.03 -2.46
C PHE A 452 7.57 -30.44 -1.76
N SER A 453 7.92 -30.92 -0.55
CA SER A 453 9.09 -30.43 0.18
C SER A 453 9.84 -31.53 0.93
N GLY A 454 9.50 -32.79 0.70
CA GLY A 454 10.06 -33.92 1.48
C GLY A 454 11.57 -34.01 1.57
N MET A 455 12.35 -33.48 0.60
CA MET A 455 13.85 -33.58 0.67
C MET A 455 14.42 -32.75 1.81
N GLU A 456 13.61 -31.83 2.34
CA GLU A 456 14.00 -31.07 3.56
C GLU A 456 14.05 -31.90 4.85
N ILE A 457 13.66 -33.13 4.78
CA ILE A 457 14.00 -34.04 5.92
C ILE A 457 15.51 -34.10 6.13
N GLU A 458 16.32 -33.99 5.08
CA GLU A 458 17.76 -33.92 5.29
C GLU A 458 18.23 -32.68 6.06
N THR A 459 17.63 -31.51 5.74
CA THR A 459 17.88 -30.34 6.52
C THR A 459 17.50 -30.53 7.98
N ILE A 460 16.32 -31.11 8.23
CA ILE A 460 15.87 -31.35 9.58
C ILE A 460 16.92 -32.23 10.29
N CYS A 461 17.47 -33.21 9.60
CA CYS A 461 18.47 -34.14 10.31
C CYS A 461 19.81 -33.46 10.48
N ARG A 462 20.17 -32.61 9.49
CA ARG A 462 21.45 -31.88 9.52
C ARG A 462 21.54 -30.98 10.75
N TYR A 463 20.42 -30.37 11.14
CA TYR A 463 20.41 -29.48 12.28
C TYR A 463 19.77 -30.16 13.51
N ASN A 464 19.50 -31.46 13.44
CA ASN A 464 19.00 -32.15 14.62
C ASN A 464 17.77 -31.48 15.25
N LEU A 465 16.83 -31.06 14.38
CA LEU A 465 15.61 -30.40 14.79
C LEU A 465 14.54 -31.40 15.27
N PRO A 466 13.87 -31.08 16.40
CA PRO A 466 12.79 -31.85 16.99
C PRO A 466 11.50 -31.83 16.24
N VAL A 467 11.55 -32.45 15.06
CA VAL A 467 10.41 -32.50 14.17
C VAL A 467 9.92 -33.90 13.95
N THR A 468 8.64 -34.12 14.27
CA THR A 468 8.02 -35.42 14.04
C THR A 468 7.03 -35.26 12.92
N ILE A 469 7.21 -36.01 11.84
CA ILE A 469 6.45 -35.85 10.64
C ILE A 469 5.54 -37.05 10.52
N VAL A 470 4.24 -36.79 10.54
CA VAL A 470 3.25 -37.82 10.52
C VAL A 470 2.54 -37.78 9.18
N ILE A 471 2.77 -38.77 8.33
CA ILE A 471 2.19 -38.74 7.02
C ILE A 471 1.03 -39.64 6.97
N PHE A 472 -0.07 -39.05 6.56
CA PHE A 472 -1.30 -39.77 6.34
C PHE A 472 -1.29 -40.32 4.92
N ASN A 473 -0.86 -41.56 4.86
CA ASN A 473 -0.56 -42.18 3.58
C ASN A 473 -1.77 -42.94 3.10
N ASN A 474 -2.60 -42.25 2.35
CA ASN A 474 -3.68 -42.86 1.78
C ASN A 474 -3.44 -43.28 0.30
N GLY A 475 -2.19 -43.15 -0.18
CA GLY A 475 -1.85 -43.60 -1.56
C GLY A 475 -2.30 -42.64 -2.66
N GLY A 476 -2.42 -41.36 -2.32
CA GLY A 476 -2.79 -40.43 -3.39
C GLY A 476 -3.26 -39.08 -2.99
N ILE A 477 -3.52 -38.28 -4.01
CA ILE A 477 -4.13 -36.93 -3.89
C ILE A 477 -5.63 -37.16 -3.64
N TYR A 478 -6.09 -36.83 -2.44
CA TYR A 478 -7.47 -37.06 -1.91
C TYR A 478 -7.78 -38.50 -1.50
N ARG A 479 -7.52 -39.45 -2.43
CA ARG A 479 -7.92 -40.85 -2.32
C ARG A 479 -6.86 -41.69 -3.04
N GLY A 480 -6.73 -42.96 -2.67
CA GLY A 480 -5.75 -43.85 -3.26
C GLY A 480 -6.40 -44.95 -4.08
N ASP A 481 -7.66 -44.77 -4.42
CA ASP A 481 -8.41 -45.83 -5.08
C ASP A 481 -8.81 -45.50 -6.52
N GLY A 482 -8.07 -44.59 -7.16
CA GLY A 482 -8.42 -44.21 -8.54
C GLY A 482 -8.14 -45.34 -9.54
N VAL A 483 -8.76 -45.26 -10.70
CA VAL A 483 -8.52 -46.24 -11.76
C VAL A 483 -8.30 -45.50 -13.09
N ASP A 484 -7.35 -46.00 -13.87
CA ASP A 484 -7.15 -45.57 -15.27
C ASP A 484 -8.41 -45.89 -16.10
N LEU A 485 -9.16 -44.88 -16.50
CA LEU A 485 -10.41 -45.09 -17.24
C LEU A 485 -10.23 -45.60 -18.66
N SER A 486 -9.00 -45.75 -19.13
CA SER A 486 -8.84 -46.24 -20.50
C SER A 486 -8.82 -47.75 -20.48
N GLY A 487 -8.72 -48.33 -19.29
CA GLY A 487 -8.53 -49.77 -19.18
C GLY A 487 -7.09 -50.27 -19.23
N ALA A 488 -6.12 -49.38 -19.43
CA ALA A 488 -4.73 -49.82 -19.53
C ALA A 488 -4.02 -50.14 -18.22
N GLY A 489 -4.66 -49.96 -17.06
CA GLY A 489 -3.94 -50.32 -15.86
C GLY A 489 -2.85 -49.35 -15.37
N ALA A 490 -2.71 -48.16 -15.98
CA ALA A 490 -1.71 -47.19 -15.51
C ALA A 490 -2.21 -46.53 -14.19
N PRO A 491 -1.29 -45.98 -13.36
CA PRO A 491 -1.83 -45.25 -12.19
C PRO A 491 -2.78 -44.15 -12.64
N SER A 492 -3.85 -43.90 -11.89
CA SER A 492 -4.74 -42.79 -12.24
C SER A 492 -4.01 -41.44 -11.91
N PRO A 493 -4.51 -40.32 -12.45
CA PRO A 493 -3.80 -39.08 -12.12
C PRO A 493 -3.67 -38.75 -10.63
N THR A 494 -4.50 -39.39 -9.79
CA THR A 494 -4.45 -39.03 -8.38
C THR A 494 -3.68 -40.05 -7.54
N ASP A 495 -3.31 -41.22 -8.12
CA ASP A 495 -2.56 -42.23 -7.41
C ASP A 495 -1.06 -41.95 -7.25
N LEU A 496 -0.55 -42.28 -6.06
CA LEU A 496 0.82 -42.31 -5.78
C LEU A 496 1.19 -43.78 -5.55
N LEU A 497 2.46 -44.10 -5.43
CA LEU A 497 2.79 -45.52 -5.25
C LEU A 497 1.95 -46.22 -4.12
N HIS A 498 1.34 -47.33 -4.50
CA HIS A 498 0.67 -48.21 -3.54
C HIS A 498 1.63 -48.61 -2.42
N HIS A 499 1.21 -48.32 -1.19
CA HIS A 499 1.97 -48.69 0.00
C HIS A 499 3.42 -48.20 0.07
N ALA A 500 3.64 -46.93 -0.30
CA ALA A 500 4.98 -46.41 -0.14
C ALA A 500 5.26 -46.39 1.37
N ARG A 501 6.52 -46.55 1.72
CA ARG A 501 6.92 -46.53 3.07
C ARG A 501 7.80 -45.31 3.37
N TYR A 502 7.20 -44.13 3.54
CA TYR A 502 7.97 -42.89 3.72
C TYR A 502 8.86 -42.89 4.96
N ASP A 503 8.51 -43.71 5.98
CA ASP A 503 9.31 -43.80 7.22
C ASP A 503 10.71 -44.24 6.90
N LYS A 504 10.86 -44.97 5.82
CA LYS A 504 12.21 -45.41 5.42
C LYS A 504 13.07 -44.34 4.81
N LEU A 505 12.48 -43.27 4.31
CA LEU A 505 13.33 -42.16 3.86
C LEU A 505 14.34 -41.70 4.90
N MET A 506 13.96 -41.74 6.18
CA MET A 506 14.86 -41.28 7.24
C MET A 506 16.14 -42.13 7.38
N ASP A 507 16.13 -43.39 6.94
CA ASP A 507 17.43 -44.17 7.05
C ASP A 507 18.59 -43.54 6.28
N ALA A 508 18.30 -42.85 5.17
CA ALA A 508 19.31 -42.08 4.37
C ALA A 508 20.07 -41.10 5.24
N PHE A 509 19.40 -40.55 6.24
CA PHE A 509 19.91 -39.41 6.96
C PHE A 509 20.11 -39.66 8.45
N ARG A 510 19.98 -40.93 8.84
CA ARG A 510 20.13 -41.36 10.20
C ARG A 510 19.06 -40.81 11.12
N GLY A 511 17.84 -40.60 10.56
CA GLY A 511 16.68 -40.18 11.36
C GLY A 511 15.94 -41.45 11.79
N VAL A 512 14.70 -41.29 12.27
CA VAL A 512 13.90 -42.39 12.81
C VAL A 512 12.67 -42.49 11.95
N GLY A 513 12.32 -43.74 11.61
CA GLY A 513 11.06 -44.06 10.96
C GLY A 513 10.18 -44.96 11.79
N TYR A 514 8.87 -44.72 11.72
CA TYR A 514 7.90 -45.70 12.22
C TYR A 514 6.87 -45.96 11.17
N ASN A 515 6.41 -47.22 11.04
CA ASN A 515 5.24 -47.47 10.21
C ASN A 515 4.07 -47.91 11.09
N VAL A 516 2.88 -47.33 10.89
CA VAL A 516 1.77 -47.56 11.83
C VAL A 516 0.47 -47.85 11.07
N THR A 517 -0.20 -48.94 11.49
CA THR A 517 -1.44 -49.37 10.88
C THR A 517 -2.61 -49.31 11.87
N THR A 518 -2.32 -48.99 13.14
CA THR A 518 -3.37 -48.93 14.18
C THR A 518 -3.23 -47.72 15.09
N THR A 519 -4.33 -47.33 15.73
CA THR A 519 -4.28 -46.19 16.69
C THR A 519 -3.32 -46.41 17.86
N ASP A 520 -3.17 -47.66 18.32
CA ASP A 520 -2.28 -47.89 19.43
C ASP A 520 -0.84 -47.70 18.98
N GLU A 521 -0.50 -48.23 17.81
CA GLU A 521 0.85 -48.06 17.27
C GLU A 521 1.17 -46.58 16.97
N LEU A 522 0.18 -45.86 16.45
CA LEU A 522 0.30 -44.39 16.16
C LEU A 522 0.55 -43.58 17.41
N ARG A 523 -0.28 -43.80 18.42
CA ARG A 523 -0.12 -43.16 19.72
C ARG A 523 1.27 -43.39 20.31
N HIS A 524 1.77 -44.63 20.25
CA HIS A 524 3.09 -44.91 20.77
C HIS A 524 4.22 -44.22 19.97
N ALA A 525 4.18 -44.38 18.65
CA ALA A 525 5.20 -43.82 17.79
C ALA A 525 5.27 -42.25 17.93
N LEU A 526 4.11 -41.65 18.07
CA LEU A 526 4.02 -40.20 18.09
C LEU A 526 4.48 -39.65 19.44
N THR A 527 4.14 -40.39 20.50
CA THR A 527 4.64 -40.04 21.85
C THR A 527 6.16 -40.22 21.93
N THR A 528 6.65 -41.34 21.44
CA THR A 528 8.10 -41.55 21.44
C THR A 528 8.82 -40.53 20.58
N GLY A 529 8.23 -40.19 19.44
CA GLY A 529 8.76 -39.16 18.55
C GLY A 529 8.91 -37.82 19.20
N ILE A 530 7.80 -37.27 19.71
CA ILE A 530 7.88 -36.03 20.48
C ILE A 530 8.89 -36.08 21.62
N GLN A 531 8.76 -37.04 22.54
CA GLN A 531 9.69 -37.07 23.70
C GLN A 531 11.15 -37.16 23.26
N SER A 532 11.42 -37.89 22.17
CA SER A 532 12.79 -38.17 21.76
C SER A 532 13.54 -36.93 21.27
N ARG A 533 12.80 -35.89 20.88
CA ARG A 533 13.34 -34.72 20.18
C ARG A 533 14.24 -35.07 18.95
N LYS A 534 14.03 -36.24 18.37
CA LYS A 534 14.83 -36.72 17.26
C LYS A 534 14.03 -36.56 15.99
N PRO A 535 14.67 -36.19 14.85
CA PRO A 535 13.98 -36.25 13.54
C PRO A 535 13.30 -37.57 13.30
N THR A 536 11.98 -37.53 13.08
CA THR A 536 11.22 -38.72 12.93
C THR A 536 10.16 -38.60 11.86
N ILE A 537 10.03 -39.66 11.11
CA ILE A 537 8.89 -39.85 10.19
C ILE A 537 8.00 -40.99 10.67
N ILE A 538 6.68 -40.73 10.69
CA ILE A 538 5.66 -41.76 10.97
C ILE A 538 4.81 -41.87 9.73
N ASN A 539 4.85 -43.05 9.13
CA ASN A 539 4.06 -43.41 8.00
C ASN A 539 2.78 -44.02 8.54
N VAL A 540 1.67 -43.34 8.31
CA VAL A 540 0.36 -43.85 8.72
C VAL A 540 -0.45 -44.42 7.56
N VAL A 541 -0.79 -45.72 7.68
CA VAL A 541 -1.61 -46.39 6.68
C VAL A 541 -3.05 -46.00 6.85
N ILE A 542 -3.48 -45.18 5.89
CA ILE A 542 -4.82 -44.70 5.85
C ILE A 542 -5.55 -45.37 4.71
N ASP A 543 -6.82 -45.71 4.97
CA ASP A 543 -7.72 -46.28 3.97
C ASP A 543 -7.71 -45.40 2.70
N PRO A 544 -7.39 -45.98 1.52
CA PRO A 544 -7.41 -45.20 0.29
C PRO A 544 -8.76 -44.70 -0.17
N ALA A 545 -9.83 -45.24 0.40
CA ALA A 545 -11.19 -44.82 0.11
C ALA A 545 -11.73 -43.84 1.13
N ALA A 546 -11.06 -43.72 2.28
CA ALA A 546 -11.46 -42.81 3.36
C ALA A 546 -11.65 -41.34 2.94
N GLY A 547 -10.88 -40.84 1.98
CA GLY A 547 -10.98 -39.40 1.72
C GLY A 547 -12.08 -39.02 0.75
N THR A 548 -12.47 -37.73 0.77
CA THR A 548 -13.28 -37.17 -0.29
C THR A 548 -12.44 -36.30 -1.26
N GLU A 549 -12.86 -36.29 -2.53
CA GLU A 549 -12.23 -35.42 -3.50
C GLU A 549 -12.88 -34.03 -3.52
N SER A 550 -12.09 -33.02 -3.17
CA SER A 550 -12.47 -31.60 -3.38
C SER A 550 -12.85 -31.22 -4.83
N GLY A 551 -13.91 -30.39 -4.98
CA GLY A 551 -14.25 -29.72 -6.26
C GLY A 551 -15.68 -29.67 -6.76
N LEU B 5 -41.70 -6.90 -14.69
CA LEU B 5 -40.22 -6.77 -14.47
C LEU B 5 -39.64 -5.54 -15.21
N GLN B 6 -39.28 -4.51 -14.44
CA GLN B 6 -38.50 -3.38 -14.95
C GLN B 6 -37.02 -3.83 -14.94
N MET B 7 -36.32 -3.59 -16.05
CA MET B 7 -34.94 -4.05 -16.19
C MET B 7 -34.05 -2.81 -16.37
N THR B 8 -32.78 -2.92 -15.97
CA THR B 8 -31.82 -1.84 -16.10
C THR B 8 -30.54 -2.46 -16.64
N ASP B 9 -29.54 -1.64 -16.91
CA ASP B 9 -28.27 -2.17 -17.40
C ASP B 9 -27.11 -1.57 -16.60
N GLY B 10 -25.92 -2.15 -16.74
CA GLY B 10 -24.67 -1.64 -16.17
C GLY B 10 -24.46 -0.14 -16.32
N MET B 11 -24.68 0.39 -17.51
CA MET B 11 -24.50 1.83 -17.67
C MET B 11 -25.33 2.60 -16.62
N HIS B 12 -26.58 2.19 -16.44
CA HIS B 12 -27.52 2.90 -15.58
C HIS B 12 -27.12 2.68 -14.15
N ILE B 13 -26.70 1.45 -13.85
CA ILE B 13 -26.21 1.15 -12.51
C ILE B 13 -24.99 2.03 -12.13
N ILE B 14 -24.02 2.14 -13.03
CA ILE B 14 -22.79 2.84 -12.66
C ILE B 14 -23.07 4.32 -12.43
N VAL B 15 -23.89 4.92 -13.30
CA VAL B 15 -24.30 6.33 -13.15
C VAL B 15 -25.01 6.56 -11.81
N GLU B 16 -25.91 5.65 -11.44
CA GLU B 16 -26.60 5.72 -10.17
C GLU B 16 -25.61 5.56 -8.97
N ALA B 17 -24.66 4.62 -9.08
CA ALA B 17 -23.57 4.52 -8.08
C ALA B 17 -22.82 5.87 -7.93
N LEU B 18 -22.46 6.49 -9.05
CA LEU B 18 -21.75 7.75 -9.02
C LEU B 18 -22.62 8.81 -8.32
N LYS B 19 -23.89 8.88 -8.68
CA LYS B 19 -24.86 9.80 -8.03
C LYS B 19 -24.96 9.58 -6.54
N GLN B 20 -25.21 8.36 -6.10
CA GLN B 20 -25.36 8.19 -4.67
C GLN B 20 -24.09 8.49 -3.91
N ASN B 21 -22.93 8.47 -4.58
CA ASN B 21 -21.67 8.78 -3.88
C ASN B 21 -21.27 10.26 -4.00
N ASN B 22 -22.26 11.07 -4.37
CA ASN B 22 -22.11 12.50 -4.55
C ASN B 22 -21.00 12.94 -5.52
N ILE B 23 -20.90 12.22 -6.64
CA ILE B 23 -20.12 12.70 -7.79
C ILE B 23 -20.97 13.70 -8.57
N ASP B 24 -20.50 14.95 -8.68
CA ASP B 24 -21.29 15.92 -9.42
C ASP B 24 -20.65 16.40 -10.74
N THR B 25 -19.39 16.00 -10.99
CA THR B 25 -18.74 16.34 -12.22
C THR B 25 -18.00 15.13 -12.80
N ILE B 26 -17.98 15.00 -14.11
CA ILE B 26 -17.11 14.06 -14.83
C ILE B 26 -16.33 14.79 -15.88
N TYR B 27 -15.03 14.53 -15.91
CA TYR B 27 -14.11 15.12 -16.86
C TYR B 27 -13.75 13.99 -17.85
N GLY B 28 -13.89 14.23 -19.15
CA GLY B 28 -13.72 13.14 -20.08
C GLY B 28 -13.54 13.47 -21.54
N VAL B 29 -13.38 12.39 -22.31
CA VAL B 29 -13.48 12.42 -23.76
C VAL B 29 -14.23 11.13 -24.10
N VAL B 30 -15.33 11.27 -24.83
CA VAL B 30 -16.12 10.10 -25.22
C VAL B 30 -15.78 9.53 -26.60
N GLY B 31 -16.62 8.56 -26.99
CA GLY B 31 -16.37 7.67 -28.11
C GLY B 31 -16.85 6.31 -27.65
N ILE B 32 -16.65 5.28 -28.49
CA ILE B 32 -17.07 3.89 -28.18
C ILE B 32 -16.21 3.36 -27.02
N PRO B 33 -16.82 2.72 -26.03
CA PRO B 33 -18.25 2.49 -25.79
C PRO B 33 -18.88 3.48 -24.76
N VAL B 34 -18.21 4.62 -24.47
CA VAL B 34 -18.70 5.44 -23.35
C VAL B 34 -19.65 6.63 -23.61
N THR B 35 -19.93 6.94 -24.87
CA THR B 35 -20.83 8.10 -25.17
C THR B 35 -22.18 8.03 -24.45
N ASP B 36 -22.88 6.91 -24.57
CA ASP B 36 -24.19 6.81 -23.91
C ASP B 36 -24.12 7.03 -22.41
N MET B 37 -23.07 6.49 -21.76
CA MET B 37 -22.87 6.71 -20.32
C MET B 37 -22.77 8.21 -19.97
N ALA B 38 -21.94 8.95 -20.69
CA ALA B 38 -21.77 10.37 -20.40
C ALA B 38 -23.09 11.13 -20.60
N ARG B 39 -23.78 10.84 -21.70
CA ARG B 39 -25.11 11.42 -21.96
C ARG B 39 -26.08 11.18 -20.84
N HIS B 40 -26.08 9.98 -20.32
CA HIS B 40 -27.02 9.66 -19.26
C HIS B 40 -26.54 10.32 -17.98
N ALA B 41 -25.24 10.33 -17.74
CA ALA B 41 -24.81 10.93 -16.49
C ALA B 41 -25.28 12.40 -16.50
N GLN B 42 -25.03 13.11 -17.60
CA GLN B 42 -25.44 14.50 -17.73
C GLN B 42 -26.96 14.61 -17.54
N ALA B 43 -27.68 13.61 -18.06
CA ALA B 43 -29.13 13.55 -18.00
C ALA B 43 -29.54 13.52 -16.57
N GLU B 44 -28.72 12.85 -15.77
CA GLU B 44 -29.03 12.61 -14.35
C GLU B 44 -28.52 13.71 -13.41
N GLY B 45 -28.11 14.84 -13.99
CA GLY B 45 -27.68 15.99 -13.19
C GLY B 45 -26.18 16.11 -12.94
N ILE B 46 -25.38 15.18 -13.51
CA ILE B 46 -23.93 15.24 -13.34
C ILE B 46 -23.39 16.18 -14.38
N ARG B 47 -22.49 17.09 -13.99
CA ARG B 47 -21.89 18.10 -14.89
C ARG B 47 -20.86 17.31 -15.71
N TYR B 48 -21.01 17.25 -17.04
CA TYR B 48 -19.99 16.61 -17.87
C TYR B 48 -19.14 17.70 -18.52
N ILE B 49 -17.82 17.55 -18.42
CA ILE B 49 -16.86 18.48 -19.05
C ILE B 49 -16.01 17.67 -20.06
N GLY B 50 -16.04 18.08 -21.33
CA GLY B 50 -15.43 17.27 -22.35
C GLY B 50 -14.22 17.98 -22.83
N PHE B 51 -13.10 17.25 -22.91
CA PHE B 51 -11.84 17.82 -23.26
C PHE B 51 -11.45 17.54 -24.69
N ARG B 52 -10.30 18.10 -25.09
CA ARG B 52 -9.70 17.87 -26.42
C ARG B 52 -8.66 16.70 -26.37
N HIS B 53 -8.24 16.35 -25.17
CA HIS B 53 -7.28 15.28 -24.97
C HIS B 53 -7.47 14.73 -23.54
N GLU B 54 -7.42 13.40 -23.39
CA GLU B 54 -7.77 12.80 -22.10
C GLU B 54 -6.78 13.18 -20.97
N GLN B 55 -5.58 13.55 -21.35
CA GLN B 55 -4.52 13.89 -20.40
C GLN B 55 -4.99 15.03 -19.53
N SER B 56 -5.50 16.07 -20.19
CA SER B 56 -6.09 17.23 -19.49
C SER B 56 -7.28 16.90 -18.69
N ALA B 57 -8.05 15.95 -19.15
CA ALA B 57 -9.21 15.55 -18.39
C ALA B 57 -8.75 14.87 -17.10
N GLY B 58 -7.68 14.10 -17.19
CA GLY B 58 -7.21 13.43 -15.97
C GLY B 58 -6.52 14.37 -15.01
N TYR B 59 -5.77 15.32 -15.55
CA TYR B 59 -5.25 16.42 -14.77
C TYR B 59 -6.37 17.21 -14.09
N ALA B 60 -7.45 17.51 -14.81
CA ALA B 60 -8.58 18.17 -14.13
C ALA B 60 -9.11 17.33 -12.99
N ALA B 61 -9.19 16.02 -13.21
CA ALA B 61 -9.75 15.14 -12.18
C ALA B 61 -8.88 15.19 -10.93
N ALA B 62 -7.57 15.15 -11.12
CA ALA B 62 -6.62 15.06 -9.98
C ALA B 62 -6.61 16.36 -9.18
N ALA B 63 -6.59 17.49 -9.91
CA ALA B 63 -6.72 18.85 -9.34
C ALA B 63 -7.94 18.89 -8.43
N SER B 64 -9.09 18.45 -8.93
CA SER B 64 -10.30 18.46 -8.16
C SER B 64 -10.22 17.57 -6.90
N GLY B 65 -9.63 16.36 -7.04
CA GLY B 65 -9.39 15.57 -5.83
C GLY B 65 -8.45 16.23 -4.82
N PHE B 66 -7.39 16.88 -5.31
CA PHE B 66 -6.50 17.66 -4.42
C PHE B 66 -7.23 18.77 -3.62
N LEU B 67 -8.13 19.48 -4.26
CA LEU B 67 -8.91 20.53 -3.59
C LEU B 67 -10.00 20.02 -2.63
N THR B 68 -10.60 18.88 -2.93
CA THR B 68 -11.80 18.48 -2.20
C THR B 68 -11.63 17.33 -1.27
N GLN B 69 -10.53 16.56 -1.42
CA GLN B 69 -10.49 15.21 -0.78
C GLN B 69 -11.58 14.23 -1.32
N LYS B 70 -12.25 14.62 -2.39
CA LYS B 70 -13.17 13.75 -3.06
C LYS B 70 -12.51 13.42 -4.42
N PRO B 71 -12.45 12.12 -4.80
CA PRO B 71 -11.74 11.73 -6.04
C PRO B 71 -12.38 12.36 -7.26
N GLY B 72 -11.62 13.03 -8.09
CA GLY B 72 -12.17 13.50 -9.37
C GLY B 72 -12.37 12.29 -10.31
N ILE B 73 -13.34 12.41 -11.24
CA ILE B 73 -13.71 11.34 -12.14
C ILE B 73 -13.31 11.68 -13.55
N CYS B 74 -12.42 10.83 -14.12
CA CYS B 74 -11.96 10.93 -15.51
C CYS B 74 -12.56 9.72 -16.26
N LEU B 75 -13.27 10.01 -17.34
CA LEU B 75 -13.89 9.07 -18.22
C LEU B 75 -13.21 9.06 -19.60
N THR B 76 -12.79 7.88 -20.04
CA THR B 76 -12.20 7.72 -21.38
C THR B 76 -12.75 6.42 -22.05
N VAL B 77 -12.45 6.28 -23.33
CA VAL B 77 -12.68 5.08 -24.08
C VAL B 77 -11.52 4.06 -23.89
N SER B 78 -11.48 3.12 -24.84
CA SER B 78 -10.56 1.95 -24.76
C SER B 78 -9.20 2.42 -25.31
N ALA B 79 -8.31 1.46 -25.61
CA ALA B 79 -6.86 1.63 -25.71
C ALA B 79 -6.26 3.04 -26.00
N PRO B 80 -6.49 3.66 -27.18
CA PRO B 80 -5.77 4.91 -27.40
C PRO B 80 -6.20 6.02 -26.44
N GLY B 81 -7.49 6.12 -26.10
CA GLY B 81 -7.95 7.07 -25.07
C GLY B 81 -7.52 6.70 -23.68
N PHE B 82 -7.64 5.42 -23.36
CA PHE B 82 -7.16 4.95 -22.06
C PHE B 82 -5.70 5.33 -21.86
N LEU B 83 -4.84 5.12 -22.86
CA LEU B 83 -3.40 5.38 -22.72
C LEU B 83 -3.11 6.84 -22.47
N ASN B 84 -3.87 7.72 -23.11
CA ASN B 84 -3.67 9.17 -22.89
C ASN B 84 -4.04 9.54 -21.43
N GLY B 85 -5.19 9.01 -20.99
CA GLY B 85 -5.63 9.14 -19.59
C GLY B 85 -4.63 8.53 -18.57
N LEU B 86 -4.01 7.42 -18.93
CA LEU B 86 -3.09 6.74 -18.04
C LEU B 86 -1.92 7.67 -17.63
N THR B 87 -1.42 8.48 -18.57
CA THR B 87 -0.32 9.40 -18.26
C THR B 87 -0.76 10.44 -17.13
N ALA B 88 -2.02 10.85 -17.08
CA ALA B 88 -2.49 11.73 -15.97
C ALA B 88 -2.79 10.92 -14.70
N LEU B 89 -3.29 9.68 -14.87
CA LEU B 89 -3.47 8.84 -13.69
C LEU B 89 -2.13 8.67 -12.98
N ALA B 90 -1.07 8.48 -13.75
CA ALA B 90 0.26 8.21 -13.18
C ALA B 90 0.69 9.41 -12.33
N ASN B 91 0.45 10.60 -12.89
CA ASN B 91 0.86 11.81 -12.23
C ASN B 91 0.11 12.08 -10.94
N ALA B 92 -1.19 11.83 -10.91
CA ALA B 92 -2.00 11.83 -9.66
C ALA B 92 -1.44 10.92 -8.59
N THR B 93 -1.13 9.70 -8.96
CA THR B 93 -0.54 8.75 -7.99
C THR B 93 0.77 9.28 -7.39
N VAL B 94 1.65 9.78 -8.23
CA VAL B 94 2.94 10.34 -7.87
C VAL B 94 2.79 11.50 -6.88
N ASN B 95 1.87 12.41 -7.20
CA ASN B 95 1.55 13.57 -6.38
C ASN B 95 0.70 13.27 -5.15
N GLY B 96 -0.08 12.19 -5.12
CA GLY B 96 -0.86 11.93 -3.93
C GLY B 96 -2.19 12.66 -4.05
N PHE B 97 -2.71 12.74 -5.29
CA PHE B 97 -4.03 13.35 -5.55
C PHE B 97 -5.05 12.24 -5.83
N PRO B 98 -6.20 12.27 -5.15
CA PRO B 98 -7.19 11.24 -5.44
C PRO B 98 -7.95 11.44 -6.73
N MET B 99 -8.06 10.37 -7.48
CA MET B 99 -8.90 10.37 -8.69
C MET B 99 -9.17 8.93 -9.08
N ILE B 100 -10.23 8.77 -9.86
CA ILE B 100 -10.58 7.49 -10.49
C ILE B 100 -10.70 7.71 -11.98
N MET B 101 -9.93 6.97 -12.76
CA MET B 101 -10.13 6.98 -14.20
C MET B 101 -10.98 5.79 -14.56
N ILE B 102 -12.13 6.09 -15.15
CA ILE B 102 -13.09 5.05 -15.58
C ILE B 102 -12.94 4.97 -17.09
N SER B 103 -12.56 3.79 -17.59
CA SER B 103 -12.40 3.67 -19.04
C SER B 103 -13.22 2.48 -19.56
N GLY B 104 -13.82 2.66 -20.75
CA GLY B 104 -14.40 1.57 -21.53
C GLY B 104 -13.29 0.61 -21.87
N SER B 105 -13.56 -0.68 -21.91
CA SER B 105 -12.58 -1.55 -22.57
C SER B 105 -13.33 -2.48 -23.53
N SER B 106 -12.58 -3.18 -24.39
CA SER B 106 -13.19 -4.08 -25.34
C SER B 106 -13.66 -5.42 -24.77
N ASP B 107 -13.79 -6.41 -25.67
CA ASP B 107 -14.34 -7.73 -25.41
C ASP B 107 -13.30 -8.58 -24.70
N ARG B 108 -13.64 -9.08 -23.53
CA ARG B 108 -12.63 -9.73 -22.66
C ARG B 108 -12.09 -10.97 -23.32
N ALA B 109 -12.99 -11.67 -24.01
CA ALA B 109 -12.62 -12.95 -24.61
C ALA B 109 -11.72 -12.70 -25.77
N ILE B 110 -11.97 -11.64 -26.54
CA ILE B 110 -11.12 -11.43 -27.70
C ILE B 110 -9.70 -10.96 -27.31
N VAL B 111 -9.65 -9.98 -26.42
CA VAL B 111 -8.39 -9.40 -25.83
C VAL B 111 -7.51 -10.47 -25.11
N ASP B 112 -8.15 -11.28 -24.27
CA ASP B 112 -7.48 -12.43 -23.63
C ASP B 112 -6.78 -13.41 -24.58
N LEU B 113 -7.18 -13.48 -25.86
CA LEU B 113 -6.54 -14.39 -26.79
C LEU B 113 -5.67 -13.58 -27.76
N GLN B 114 -5.63 -12.24 -27.59
CA GLN B 114 -4.82 -11.34 -28.39
C GLN B 114 -5.05 -11.52 -29.88
N GLN B 115 -6.34 -11.54 -30.27
CA GLN B 115 -6.69 -11.82 -31.66
C GLN B 115 -6.79 -10.56 -32.53
N GLY B 116 -6.56 -9.38 -31.92
CA GLY B 116 -6.68 -8.11 -32.63
C GLY B 116 -8.06 -7.46 -32.56
N ASP B 117 -8.60 -7.35 -31.35
CA ASP B 117 -9.88 -6.67 -31.12
C ASP B 117 -9.81 -5.19 -31.48
N TYR B 118 -10.98 -4.57 -31.56
CA TYR B 118 -11.08 -3.13 -31.57
C TYR B 118 -10.34 -2.63 -30.34
N GLU B 119 -9.41 -1.67 -30.55
CA GLU B 119 -8.76 -0.93 -29.41
C GLU B 119 -8.37 -1.97 -28.33
N GLU B 120 -7.60 -2.96 -28.75
CA GLU B 120 -7.25 -4.10 -27.85
C GLU B 120 -6.04 -3.76 -27.00
N LEU B 121 -6.20 -3.97 -25.68
CA LEU B 121 -5.10 -3.90 -24.69
C LEU B 121 -5.66 -4.48 -23.38
N ASP B 122 -4.85 -5.16 -22.57
CA ASP B 122 -5.27 -5.45 -21.16
C ASP B 122 -5.07 -4.14 -20.39
N GLN B 123 -6.08 -3.28 -20.40
CA GLN B 123 -6.07 -1.95 -19.76
C GLN B 123 -5.89 -2.08 -18.25
N MET B 124 -6.52 -3.09 -17.69
CA MET B 124 -6.36 -3.29 -16.27
C MET B 124 -4.93 -3.49 -15.83
N ASN B 125 -4.22 -4.45 -16.42
CA ASN B 125 -2.86 -4.66 -16.07
C ASN B 125 -1.94 -3.60 -16.57
N ALA B 126 -2.30 -2.93 -17.67
CA ALA B 126 -1.52 -1.75 -18.11
C ALA B 126 -1.46 -0.59 -17.08
N ALA B 127 -2.54 -0.41 -16.33
CA ALA B 127 -2.67 0.70 -15.38
C ALA B 127 -2.03 0.37 -14.05
N LYS B 128 -1.81 -0.93 -13.75
CA LYS B 128 -1.40 -1.36 -12.39
C LYS B 128 -0.19 -0.62 -11.88
N PRO B 129 0.85 -0.48 -12.72
CA PRO B 129 2.05 0.15 -12.16
C PRO B 129 1.88 1.64 -11.84
N TYR B 130 0.79 2.26 -12.31
CA TYR B 130 0.58 3.71 -12.18
C TYR B 130 -0.55 4.09 -11.21
N ALA B 131 -1.15 3.10 -10.57
CA ALA B 131 -2.40 3.36 -9.86
C ALA B 131 -2.22 2.74 -8.51
N LYS B 132 -2.92 3.25 -7.50
CA LYS B 132 -3.10 2.52 -6.23
C LYS B 132 -3.74 1.13 -6.42
N ALA B 133 -4.72 1.02 -7.33
CA ALA B 133 -5.36 -0.25 -7.62
C ALA B 133 -5.95 -0.13 -8.97
N ALA B 134 -6.19 -1.27 -9.60
CA ALA B 134 -6.80 -1.34 -10.90
C ALA B 134 -7.84 -2.49 -10.81
N PHE B 135 -9.11 -2.12 -11.01
CA PHE B 135 -10.25 -3.04 -10.86
C PHE B 135 -10.93 -3.20 -12.21
N ARG B 136 -11.47 -4.37 -12.49
CA ARG B 136 -12.21 -4.59 -13.77
C ARG B 136 -13.55 -5.24 -13.46
N VAL B 137 -14.65 -4.72 -14.02
CA VAL B 137 -15.96 -5.22 -13.57
C VAL B 137 -16.58 -6.05 -14.69
N ASN B 138 -16.77 -7.34 -14.48
CA ASN B 138 -17.37 -8.20 -15.50
C ASN B 138 -18.91 -8.40 -15.35
N GLN B 139 -19.44 -8.24 -14.15
CA GLN B 139 -20.85 -8.42 -13.84
C GLN B 139 -21.47 -7.08 -13.38
N PRO B 140 -22.65 -6.71 -13.94
CA PRO B 140 -23.28 -5.43 -13.58
C PRO B 140 -23.69 -5.38 -12.10
N GLN B 141 -23.92 -6.53 -11.46
CA GLN B 141 -24.24 -6.57 -10.02
C GLN B 141 -23.07 -6.23 -9.09
N ASP B 142 -21.88 -6.09 -9.68
CA ASP B 142 -20.62 -5.80 -8.94
C ASP B 142 -20.15 -4.37 -9.18
N LEU B 143 -20.86 -3.64 -10.02
CA LEU B 143 -20.49 -2.28 -10.29
C LEU B 143 -20.47 -1.42 -9.03
N GLY B 144 -21.40 -1.66 -8.09
CA GLY B 144 -21.51 -0.73 -6.97
C GLY B 144 -20.42 -1.00 -5.96
N ILE B 145 -20.13 -2.27 -5.72
CA ILE B 145 -19.01 -2.63 -4.85
C ILE B 145 -17.66 -2.21 -5.46
N ALA B 146 -17.51 -2.42 -6.75
CA ALA B 146 -16.31 -1.97 -7.43
C ALA B 146 -16.09 -0.43 -7.29
N LEU B 147 -17.11 0.38 -7.52
CA LEU B 147 -16.99 1.83 -7.23
C LEU B 147 -16.69 2.15 -5.74
N ALA B 148 -17.34 1.44 -4.81
CA ALA B 148 -17.00 1.58 -3.38
C ALA B 148 -15.49 1.38 -3.12
N ARG B 149 -14.91 0.29 -3.63
CA ARG B 149 -13.47 0.05 -3.53
C ARG B 149 -12.68 1.20 -4.19
N ALA B 150 -12.97 1.51 -5.46
CA ALA B 150 -12.34 2.61 -6.15
C ALA B 150 -12.31 3.87 -5.26
N ILE B 151 -13.44 4.25 -4.70
CA ILE B 151 -13.44 5.43 -3.85
C ILE B 151 -12.57 5.26 -2.62
N ARG B 152 -12.71 4.17 -1.89
CA ARG B 152 -11.92 4.07 -0.67
C ARG B 152 -10.47 4.06 -0.95
N VAL B 153 -10.05 3.33 -1.99
CA VAL B 153 -8.65 3.17 -2.26
C VAL B 153 -8.09 4.52 -2.66
N SER B 154 -8.85 5.25 -3.47
CA SER B 154 -8.30 6.50 -4.00
C SER B 154 -7.99 7.52 -2.87
N VAL B 155 -8.76 7.49 -1.78
CA VAL B 155 -8.58 8.49 -0.72
C VAL B 155 -7.91 8.03 0.53
N SER B 156 -7.59 6.75 0.63
CA SER B 156 -6.97 6.28 1.87
C SER B 156 -5.43 6.29 1.77
N GLY B 157 -4.75 6.11 2.90
CA GLY B 157 -3.28 6.21 2.89
C GLY B 157 -2.84 7.52 2.30
N ARG B 158 -1.75 7.49 1.54
CA ARG B 158 -1.43 8.60 0.65
C ARG B 158 -2.41 8.46 -0.57
N PRO B 159 -3.24 9.49 -0.82
CA PRO B 159 -4.22 9.37 -1.94
C PRO B 159 -3.58 9.22 -3.33
N GLY B 160 -4.35 8.68 -4.28
CA GLY B 160 -3.79 8.52 -5.62
C GLY B 160 -4.83 8.12 -6.67
N GLY B 161 -4.35 7.81 -7.87
CA GLY B 161 -5.18 7.28 -8.90
C GLY B 161 -5.61 5.87 -8.75
N VAL B 162 -6.87 5.66 -9.12
CA VAL B 162 -7.42 4.30 -9.19
C VAL B 162 -8.01 4.07 -10.56
N TYR B 163 -7.71 2.90 -11.12
CA TYR B 163 -8.25 2.60 -12.45
C TYR B 163 -9.48 1.67 -12.34
N LEU B 164 -10.61 2.09 -12.93
CA LEU B 164 -11.80 1.23 -12.98
C LEU B 164 -12.17 0.89 -14.41
N ASP B 165 -12.09 -0.40 -14.76
CA ASP B 165 -12.19 -0.82 -16.14
C ASP B 165 -13.59 -1.29 -16.39
N LEU B 166 -14.24 -0.79 -17.44
CA LEU B 166 -15.67 -1.23 -17.71
C LEU B 166 -15.77 -1.74 -19.10
N PRO B 167 -15.69 -3.05 -19.25
CA PRO B 167 -15.81 -3.68 -20.56
C PRO B 167 -17.16 -3.35 -21.17
N ALA B 168 -17.13 -3.15 -22.49
CA ALA B 168 -18.29 -2.72 -23.26
C ALA B 168 -19.51 -3.57 -22.84
N ASN B 169 -19.27 -4.83 -22.63
CA ASN B 169 -20.35 -5.71 -22.32
C ASN B 169 -21.01 -5.57 -20.94
N VAL B 170 -20.28 -5.00 -19.97
CA VAL B 170 -20.86 -4.85 -18.62
C VAL B 170 -21.81 -3.66 -18.66
N LEU B 171 -21.50 -2.71 -19.50
CA LEU B 171 -22.35 -1.53 -19.69
C LEU B 171 -23.70 -1.91 -20.35
N ALA B 172 -23.67 -2.75 -21.38
CA ALA B 172 -24.85 -3.39 -21.96
C ALA B 172 -25.61 -4.47 -21.10
N ALA B 173 -24.88 -5.18 -20.23
CA ALA B 173 -25.48 -6.27 -19.45
C ALA B 173 -26.66 -5.77 -18.62
N THR B 174 -27.76 -6.54 -18.61
CA THR B 174 -28.98 -6.09 -17.95
C THR B 174 -29.20 -6.83 -16.65
N MET B 175 -29.87 -6.17 -15.71
CA MET B 175 -30.46 -6.89 -14.60
C MET B 175 -31.80 -6.26 -14.17
N GLU B 176 -32.53 -6.98 -13.32
CA GLU B 176 -33.77 -6.51 -12.74
C GLU B 176 -33.44 -5.21 -11.99
N LYS B 177 -34.21 -4.16 -12.27
CA LYS B 177 -33.94 -2.81 -11.78
C LYS B 177 -33.97 -2.71 -10.26
N ASP B 178 -34.90 -3.45 -9.65
CA ASP B 178 -35.06 -3.46 -8.20
C ASP B 178 -33.89 -4.08 -7.49
N GLU B 179 -33.48 -5.26 -7.95
CA GLU B 179 -32.31 -5.96 -7.41
C GLU B 179 -31.02 -5.13 -7.58
N ALA B 180 -30.84 -4.59 -8.79
CA ALA B 180 -29.78 -3.64 -9.14
C ALA B 180 -29.61 -2.56 -8.06
N LEU B 181 -30.73 -1.93 -7.66
CA LEU B 181 -30.69 -0.93 -6.63
C LEU B 181 -30.14 -1.43 -5.33
N THR B 182 -30.38 -2.69 -4.99
CA THR B 182 -29.77 -3.24 -3.79
C THR B 182 -28.26 -3.49 -3.90
N THR B 183 -27.69 -3.38 -5.11
CA THR B 183 -26.25 -3.70 -5.29
C THR B 183 -25.35 -2.44 -5.25
N ILE B 184 -26.00 -1.29 -5.10
CA ILE B 184 -25.34 0.01 -5.09
C ILE B 184 -24.86 0.35 -3.70
N VAL B 185 -23.61 0.84 -3.59
CA VAL B 185 -22.98 1.02 -2.27
C VAL B 185 -22.63 2.49 -2.10
N LYS B 186 -23.15 3.07 -1.03
CA LYS B 186 -22.87 4.48 -0.77
C LYS B 186 -21.82 4.44 0.31
N VAL B 187 -20.64 4.97 0.04
CA VAL B 187 -19.57 4.89 1.05
C VAL B 187 -19.71 6.04 2.08
N GLU B 188 -19.71 5.68 3.37
CA GLU B 188 -19.68 6.72 4.37
C GLU B 188 -18.27 6.75 4.91
N ASN B 189 -17.73 7.96 5.10
CA ASN B 189 -16.36 8.05 5.64
C ASN B 189 -15.33 7.19 4.84
N PRO B 190 -15.12 7.51 3.54
CA PRO B 190 -14.14 6.72 2.75
C PRO B 190 -12.69 6.64 3.33
N SER B 191 -12.17 7.70 3.93
CA SER B 191 -10.87 7.59 4.66
C SER B 191 -10.97 7.93 6.13
N PRO B 192 -11.09 6.89 6.98
CA PRO B 192 -11.17 7.14 8.41
C PRO B 192 -9.87 7.80 8.95
N ALA B 193 -10.02 8.56 10.04
CA ALA B 193 -8.91 9.01 10.84
C ALA B 193 -8.05 7.86 11.32
N LEU B 194 -6.74 8.08 11.22
CA LEU B 194 -5.71 7.22 11.76
C LEU B 194 -4.82 8.05 12.72
N LEU B 195 -4.86 7.71 14.00
CA LEU B 195 -4.22 8.53 15.05
C LEU B 195 -2.83 7.96 15.34
N PRO B 196 -1.82 8.84 15.56
CA PRO B 196 -0.51 8.32 15.89
C PRO B 196 -0.41 7.69 17.29
N CYS B 197 0.62 6.89 17.44
CA CYS B 197 1.08 6.39 18.69
C CYS B 197 1.34 7.56 19.66
N PRO B 198 0.66 7.58 20.83
CA PRO B 198 0.90 8.74 21.75
C PRO B 198 2.38 8.94 22.05
N LYS B 199 3.16 7.88 22.24
CA LYS B 199 4.55 8.05 22.61
C LYS B 199 5.38 8.75 21.54
N SER B 200 5.02 8.56 20.27
CA SER B 200 5.79 9.18 19.22
C SER B 200 5.46 10.68 19.23
N VAL B 201 4.22 11.03 19.53
CA VAL B 201 3.81 12.43 19.60
C VAL B 201 4.57 13.12 20.76
N THR B 202 4.64 12.47 21.91
CA THR B 202 5.37 13.06 23.00
C THR B 202 6.89 13.14 22.69
N SER B 203 7.51 12.09 22.11
CA SER B 203 8.92 12.23 21.64
C SER B 203 9.07 13.40 20.69
N ALA B 204 8.08 13.63 19.85
CA ALA B 204 8.20 14.71 18.85
C ALA B 204 8.28 16.12 19.49
N ILE B 205 7.41 16.36 20.47
CA ILE B 205 7.37 17.65 21.17
C ILE B 205 8.66 17.81 21.97
N SER B 206 9.06 16.73 22.61
CA SER B 206 10.26 16.68 23.41
C SER B 206 11.53 17.05 22.61
N LEU B 207 11.66 16.54 21.39
CA LEU B 207 12.85 16.78 20.61
C LEU B 207 12.80 18.21 20.09
N LEU B 208 11.60 18.67 19.72
CA LEU B 208 11.38 20.08 19.34
C LEU B 208 11.67 21.05 20.49
N ALA B 209 11.32 20.67 21.74
CA ALA B 209 11.61 21.56 22.88
C ALA B 209 13.12 21.70 23.12
N LYS B 210 13.88 20.64 22.93
CA LYS B 210 15.35 20.64 23.07
C LYS B 210 16.12 21.28 21.89
N ALA B 211 15.40 21.61 20.82
CA ALA B 211 16.01 22.10 19.57
C ALA B 211 16.51 23.54 19.66
N GLU B 212 17.72 23.77 19.18
CA GLU B 212 18.21 25.14 19.11
C GLU B 212 17.67 25.88 17.90
N ARG B 213 17.43 25.15 16.80
CA ARG B 213 17.10 25.80 15.53
C ARG B 213 16.06 24.93 14.81
N PRO B 214 14.84 24.87 15.36
CA PRO B 214 13.82 24.04 14.79
C PRO B 214 13.25 24.65 13.53
N LEU B 215 12.88 23.78 12.61
CA LEU B 215 12.17 24.22 11.41
C LEU B 215 11.08 23.22 11.04
N ILE B 216 9.95 23.77 10.67
CA ILE B 216 8.89 22.97 10.12
C ILE B 216 8.83 23.07 8.59
N ILE B 217 8.73 21.93 7.91
CA ILE B 217 8.46 21.96 6.45
C ILE B 217 7.02 21.49 6.14
N LEU B 218 6.27 22.31 5.40
CA LEU B 218 4.89 21.93 5.01
C LEU B 218 4.87 21.47 3.55
N GLY B 219 4.51 20.20 3.30
CA GLY B 219 4.36 19.72 1.94
C GLY B 219 2.92 19.69 1.49
N LYS B 220 2.70 19.14 0.27
CA LYS B 220 1.37 18.96 -0.32
C LYS B 220 0.47 18.08 0.58
N GLY B 221 1.04 17.11 1.28
CA GLY B 221 0.22 16.30 2.26
C GLY B 221 -0.41 17.17 3.38
N ALA B 222 0.36 18.17 3.86
CA ALA B 222 -0.10 19.15 4.86
C ALA B 222 -1.23 19.95 4.23
N ALA B 223 -0.98 20.43 3.00
CA ALA B 223 -2.00 21.21 2.29
C ALA B 223 -3.27 20.39 2.07
N TYR B 224 -3.08 19.14 1.65
CA TYR B 224 -4.22 18.29 1.23
C TYR B 224 -5.12 17.98 2.44
N SER B 225 -4.45 17.88 3.59
CA SER B 225 -5.09 17.51 4.86
C SER B 225 -6.18 18.50 5.33
N GLN B 226 -6.13 19.75 4.85
CA GLN B 226 -7.05 20.80 5.29
C GLN B 226 -6.97 21.09 6.81
N ALA B 227 -5.83 20.78 7.41
CA ALA B 227 -5.63 21.06 8.80
C ALA B 227 -5.02 22.48 8.97
N ASP B 228 -5.50 23.47 8.20
CA ASP B 228 -4.91 24.80 8.16
C ASP B 228 -4.86 25.54 9.50
N GLU B 229 -5.92 25.40 10.30
CA GLU B 229 -6.01 26.12 11.58
C GLU B 229 -5.11 25.47 12.63
N GLN B 230 -5.18 24.15 12.74
CA GLN B 230 -4.27 23.42 13.60
C GLN B 230 -2.80 23.70 13.28
N LEU B 231 -2.41 23.76 12.01
CA LEU B 231 -1.01 24.02 11.69
C LEU B 231 -0.55 25.42 12.11
N ARG B 232 -1.41 26.40 11.86
CA ARG B 232 -1.17 27.81 12.19
C ARG B 232 -1.02 27.94 13.68
N GLU B 233 -2.00 27.42 14.39
CA GLU B 233 -1.94 27.39 15.84
C GLU B 233 -0.68 26.78 16.41
N PHE B 234 -0.23 25.63 15.90
CA PHE B 234 0.99 24.99 16.39
C PHE B 234 2.21 25.89 16.12
N ILE B 235 2.31 26.41 14.89
CA ILE B 235 3.44 27.19 14.44
C ILE B 235 3.57 28.50 15.29
N GLU B 236 2.43 29.16 15.50
CA GLU B 236 2.35 30.40 16.25
C GLU B 236 2.56 30.18 17.74
N SER B 237 2.11 29.09 18.33
CA SER B 237 2.29 28.91 19.75
C SER B 237 3.70 28.79 20.16
N ALA B 238 4.46 27.97 19.43
CA ALA B 238 5.88 27.76 19.71
C ALA B 238 6.75 28.69 18.83
N GLN B 239 6.13 29.52 18.02
CA GLN B 239 6.89 30.43 17.20
C GLN B 239 7.99 29.68 16.40
N ILE B 240 7.57 28.62 15.70
CA ILE B 240 8.49 27.75 14.96
C ILE B 240 8.49 28.23 13.52
N PRO B 241 9.67 28.59 13.03
CA PRO B 241 9.82 29.00 11.67
C PRO B 241 9.43 27.82 10.75
N PHE B 242 8.74 28.14 9.68
CA PHE B 242 8.34 27.12 8.72
C PHE B 242 8.72 27.48 7.26
N LEU B 243 8.90 26.44 6.46
CA LEU B 243 8.96 26.53 4.99
C LEU B 243 7.81 25.78 4.35
N PRO B 244 7.08 26.49 3.49
CA PRO B 244 6.01 25.88 2.64
C PRO B 244 6.63 25.38 1.35
N MET B 245 6.34 24.11 1.03
CA MET B 245 6.73 23.59 -0.29
C MET B 245 5.79 24.27 -1.24
N SER B 246 6.08 24.17 -2.54
CA SER B 246 5.28 24.87 -3.52
C SER B 246 3.76 24.93 -3.35
N MET B 247 3.09 23.79 -3.23
CA MET B 247 1.64 23.83 -3.20
C MET B 247 1.09 23.89 -1.78
N ALA B 248 2.00 24.01 -0.81
CA ALA B 248 1.61 24.36 0.57
C ALA B 248 1.70 25.85 0.88
N LYS B 249 2.22 26.63 -0.06
CA LYS B 249 2.12 28.10 0.00
C LYS B 249 0.64 28.49 0.24
N GLY B 250 0.42 29.35 1.24
CA GLY B 250 -0.92 29.77 1.55
C GLY B 250 -1.62 29.08 2.70
N ILE B 251 -1.11 27.92 3.19
CA ILE B 251 -1.76 27.34 4.37
C ILE B 251 -1.77 28.44 5.44
N LEU B 252 -0.59 29.01 5.73
CA LEU B 252 -0.41 30.31 6.37
C LEU B 252 0.00 31.21 5.25
N GLU B 253 -0.43 32.46 5.28
CA GLU B 253 -0.10 33.35 4.19
C GLU B 253 1.41 33.40 3.99
N ASP B 254 1.85 33.63 2.76
CA ASP B 254 3.29 33.61 2.50
C ASP B 254 4.05 34.77 3.17
N THR B 255 3.32 35.82 3.55
CA THR B 255 3.95 36.99 4.20
C THR B 255 3.96 36.88 5.71
N HIS B 256 3.44 35.78 6.22
CA HIS B 256 3.52 35.47 7.65
C HIS B 256 4.94 35.64 8.16
N PRO B 257 5.08 36.21 9.40
CA PRO B 257 6.41 36.52 9.98
C PRO B 257 7.25 35.26 10.24
N LEU B 258 6.62 34.14 10.54
CA LEU B 258 7.42 32.91 10.77
C LEU B 258 7.83 32.13 9.48
N SER B 259 7.46 32.64 8.30
CA SER B 259 7.88 31.99 7.05
C SER B 259 9.38 32.23 6.80
N ALA B 260 10.15 31.14 6.66
CA ALA B 260 11.57 31.20 6.39
C ALA B 260 11.87 31.07 4.87
N ALA B 261 10.83 31.11 4.03
CA ALA B 261 11.00 30.98 2.56
C ALA B 261 12.06 31.89 1.93
N ALA B 262 12.21 33.11 2.45
CA ALA B 262 13.17 34.06 1.93
C ALA B 262 14.59 33.76 2.34
N ALA B 263 14.79 32.80 3.22
CA ALA B 263 16.15 32.37 3.55
C ALA B 263 16.15 30.86 3.66
N ARG B 264 15.52 30.23 2.68
CA ARG B 264 15.32 28.80 2.63
C ARG B 264 16.62 28.01 2.71
N SER B 265 17.61 28.44 1.93
CA SER B 265 18.92 27.76 1.89
C SER B 265 19.61 27.79 3.23
N PHE B 266 19.60 28.99 3.83
CA PHE B 266 20.19 29.18 5.13
C PHE B 266 19.43 28.32 6.17
N ALA B 267 18.10 28.37 6.15
CA ALA B 267 17.28 27.60 7.11
C ALA B 267 17.59 26.10 7.07
N LEU B 268 17.70 25.56 5.87
CA LEU B 268 17.95 24.15 5.71
C LEU B 268 19.37 23.77 6.09
N ALA B 269 20.35 24.61 5.71
CA ALA B 269 21.75 24.41 6.08
C ALA B 269 22.00 24.40 7.60
N ASN B 270 21.15 25.10 8.34
CA ASN B 270 21.37 25.31 9.78
C ASN B 270 20.38 24.72 10.77
N ALA B 271 19.19 24.29 10.31
CA ALA B 271 18.16 23.85 11.27
C ALA B 271 18.77 22.61 11.91
N ASP B 272 18.52 22.37 13.20
CA ASP B 272 19.12 21.16 13.83
C ASP B 272 18.06 20.07 14.00
N VAL B 273 16.78 20.48 14.02
CA VAL B 273 15.62 19.60 14.11
C VAL B 273 14.63 20.04 13.06
N VAL B 274 14.32 19.16 12.11
CA VAL B 274 13.36 19.50 11.08
C VAL B 274 12.15 18.61 11.14
N MET B 275 10.99 19.25 11.12
CA MET B 275 9.72 18.53 11.29
C MET B 275 9.01 18.59 9.96
N LEU B 276 8.99 17.43 9.27
CA LEU B 276 8.32 17.27 7.97
C LEU B 276 6.85 17.01 8.20
N VAL B 277 6.00 17.83 7.58
CA VAL B 277 4.59 17.62 7.71
C VAL B 277 4.05 17.29 6.32
N GLY B 278 3.76 15.99 6.08
CA GLY B 278 3.27 15.57 4.73
C GLY B 278 4.16 16.11 3.64
N ALA B 279 5.48 15.96 3.82
CA ALA B 279 6.48 16.40 2.84
C ALA B 279 7.51 15.28 2.81
N ARG B 280 7.79 14.78 1.62
CA ARG B 280 8.82 13.75 1.43
C ARG B 280 10.22 14.36 1.28
N LEU B 281 11.23 13.70 1.85
CA LEU B 281 12.65 14.04 1.48
C LEU B 281 13.06 13.44 0.13
N ASN B 282 12.32 13.80 -0.91
CA ASN B 282 12.61 13.38 -2.29
C ASN B 282 13.51 14.48 -2.89
N TRP B 283 13.71 14.48 -4.20
CA TRP B 283 14.63 15.42 -4.84
C TRP B 283 14.28 16.90 -4.50
N LEU B 284 13.04 17.16 -4.09
CA LEU B 284 12.61 18.55 -3.91
C LEU B 284 13.23 19.21 -2.67
N LEU B 285 13.82 18.34 -1.82
CA LEU B 285 14.51 18.74 -0.61
C LEU B 285 15.89 18.11 -0.63
N ALA B 286 16.36 17.95 -1.86
CA ALA B 286 17.68 17.39 -2.12
C ALA B 286 17.99 16.17 -1.24
N HIS B 287 16.97 15.35 -0.96
CA HIS B 287 17.07 14.05 -0.22
C HIS B 287 17.63 14.22 1.23
N GLY B 288 17.63 15.46 1.70
CA GLY B 288 18.13 15.76 3.02
C GLY B 288 19.64 15.64 3.07
N LYS B 289 20.29 15.78 1.90
CA LYS B 289 21.75 15.68 1.82
C LYS B 289 22.35 17.04 1.45
N LYS B 290 22.54 17.30 0.16
CA LYS B 290 23.17 18.56 -0.30
C LYS B 290 22.38 19.82 0.16
N GLY B 291 23.10 20.78 0.78
CA GLY B 291 22.50 21.98 1.39
C GLY B 291 21.94 21.81 2.82
N TRP B 292 22.16 20.65 3.45
CA TRP B 292 21.67 20.42 4.80
C TRP B 292 22.81 20.14 5.72
N ALA B 293 22.53 20.34 7.00
CA ALA B 293 23.49 20.03 8.08
C ALA B 293 23.72 18.50 8.12
N ALA B 294 24.94 18.11 8.45
CA ALA B 294 25.37 16.71 8.39
C ALA B 294 24.53 15.92 9.36
N ASP B 295 23.97 16.64 10.33
CA ASP B 295 23.50 16.04 11.56
C ASP B 295 22.03 16.35 11.90
N THR B 296 21.27 16.86 10.94
CA THR B 296 19.88 17.23 11.18
C THR B 296 19.13 16.04 11.76
N GLN B 297 18.28 16.30 12.73
CA GLN B 297 17.40 15.26 13.20
C GLN B 297 16.03 15.57 12.65
N PHE B 298 15.32 14.51 12.26
CA PHE B 298 14.02 14.63 11.63
C PHE B 298 12.90 14.10 12.51
N ILE B 299 11.85 14.90 12.55
CA ILE B 299 10.54 14.43 12.91
C ILE B 299 9.78 14.37 11.57
N GLN B 300 8.98 13.30 11.40
CA GLN B 300 8.13 13.18 10.24
C GLN B 300 6.69 12.69 10.49
N LEU B 301 5.78 13.58 10.15
CA LEU B 301 4.38 13.31 10.14
C LEU B 301 3.98 12.91 8.71
N ASP B 302 3.69 11.62 8.58
CA ASP B 302 3.18 11.06 7.32
C ASP B 302 2.20 9.95 7.58
N ILE B 303 1.19 9.88 6.71
CA ILE B 303 0.12 8.89 6.76
C ILE B 303 0.64 7.51 6.34
N GLU B 304 1.79 7.47 5.67
CA GLU B 304 2.29 6.28 5.00
C GLU B 304 3.59 5.77 5.63
N PRO B 305 3.50 4.70 6.47
CA PRO B 305 4.70 4.18 7.15
C PRO B 305 5.84 3.76 6.22
N GLN B 306 5.52 3.43 4.97
CA GLN B 306 6.51 2.97 3.98
C GLN B 306 7.38 4.11 3.49
N GLU B 307 6.92 5.36 3.67
CA GLU B 307 7.75 6.59 3.42
C GLU B 307 8.89 6.92 4.47
N ILE B 308 8.85 6.28 5.64
CA ILE B 308 9.79 6.55 6.71
C ILE B 308 11.09 5.82 6.42
N ASP B 309 12.20 6.53 6.63
CA ASP B 309 13.54 6.03 6.32
C ASP B 309 13.76 5.76 4.85
N SER B 310 12.99 6.42 3.99
CA SER B 310 13.20 6.29 2.57
C SER B 310 14.55 6.90 2.13
N ASN B 311 14.99 7.95 2.85
CA ASN B 311 16.17 8.69 2.42
C ASN B 311 17.20 8.88 3.53
N ARG B 312 16.85 9.67 4.54
CA ARG B 312 17.71 9.85 5.70
C ARG B 312 16.93 9.14 6.78
N PRO B 313 17.67 8.56 7.75
CA PRO B 313 17.03 8.00 8.95
C PRO B 313 16.24 9.11 9.72
N ILE B 314 15.08 8.73 10.26
CA ILE B 314 14.13 9.66 10.87
C ILE B 314 14.10 9.34 12.35
N ALA B 315 14.52 10.31 13.14
CA ALA B 315 14.58 10.14 14.59
C ALA B 315 13.19 9.93 15.14
N VAL B 316 12.21 10.73 14.73
CA VAL B 316 10.85 10.62 15.29
C VAL B 316 9.75 10.50 14.22
N PRO B 317 9.52 9.25 13.73
CA PRO B 317 8.33 9.09 12.88
C PRO B 317 7.05 9.35 13.67
N VAL B 318 6.12 10.08 13.04
CA VAL B 318 4.77 10.25 13.61
C VAL B 318 3.75 9.88 12.55
N VAL B 319 3.50 8.58 12.50
CA VAL B 319 2.61 7.94 11.49
C VAL B 319 1.13 8.02 11.89
N GLY B 320 0.32 8.66 11.02
CA GLY B 320 -1.11 8.71 11.14
C GLY B 320 -1.57 9.80 10.18
N ASP B 321 -2.87 10.08 10.10
CA ASP B 321 -3.27 11.12 9.16
C ASP B 321 -2.90 12.46 9.75
N ILE B 322 -2.62 13.44 8.90
CA ILE B 322 -2.03 14.71 9.37
C ILE B 322 -2.88 15.57 10.32
N ALA B 323 -4.14 15.77 10.01
CA ALA B 323 -5.09 16.41 10.95
C ALA B 323 -5.06 15.72 12.29
N SER B 324 -5.13 14.39 12.30
CA SER B 324 -5.15 13.66 13.56
C SER B 324 -3.87 13.90 14.33
N SER B 325 -2.75 13.85 13.60
CA SER B 325 -1.45 14.03 14.22
C SER B 325 -1.30 15.42 14.87
N MET B 326 -1.70 16.46 14.13
CA MET B 326 -1.60 17.82 14.57
C MET B 326 -2.54 18.09 15.74
N GLN B 327 -3.72 17.48 15.76
CA GLN B 327 -4.54 17.45 16.96
C GLN B 327 -3.80 17.02 18.23
N GLY B 328 -3.18 15.85 18.17
CA GLY B 328 -2.37 15.31 19.23
C GLY B 328 -1.08 16.09 19.45
N MET B 329 -0.42 16.56 18.39
CA MET B 329 0.77 17.43 18.59
C MET B 329 0.38 18.69 19.40
N LEU B 330 -0.73 19.30 19.03
CA LEU B 330 -1.32 20.46 19.74
C LEU B 330 -1.62 20.18 21.23
N ALA B 331 -2.36 19.12 21.49
CA ALA B 331 -2.63 18.76 22.85
C ALA B 331 -1.34 18.52 23.66
N GLU B 332 -0.33 17.89 23.06
CA GLU B 332 0.90 17.57 23.81
C GLU B 332 1.75 18.83 24.08
N LEU B 333 1.72 19.75 23.11
CA LEU B 333 2.32 21.08 23.27
C LEU B 333 1.68 21.79 24.49
N LYS B 334 0.37 21.74 24.61
CA LYS B 334 -0.31 22.46 25.68
C LYS B 334 0.16 21.91 27.02
N GLN B 335 0.28 20.59 27.12
CA GLN B 335 0.83 19.98 28.32
C GLN B 335 2.32 20.29 28.56
N ASN B 336 3.03 20.71 27.52
CA ASN B 336 4.49 20.90 27.61
C ASN B 336 5.03 21.95 26.66
N THR B 337 4.47 23.16 26.82
CA THR B 337 4.75 24.32 25.97
C THR B 337 6.24 24.70 25.95
N PHE B 338 6.68 25.26 24.83
CA PHE B 338 8.03 25.76 24.68
C PHE B 338 7.90 26.87 23.66
N THR B 339 8.99 27.63 23.52
CA THR B 339 9.16 28.68 22.55
C THR B 339 10.50 28.42 21.88
N THR B 340 10.49 28.51 20.56
CA THR B 340 11.70 28.39 19.78
C THR B 340 12.72 29.49 20.18
N PRO B 341 14.03 29.15 20.33
CA PRO B 341 15.00 30.26 20.58
C PRO B 341 14.76 31.53 19.75
N LEU B 342 14.56 32.66 20.41
CA LEU B 342 14.59 33.97 19.71
C LEU B 342 15.82 34.22 18.82
N VAL B 343 17.02 33.76 19.25
CA VAL B 343 18.20 34.05 18.47
C VAL B 343 18.06 33.40 17.10
N TRP B 344 17.30 32.30 17.03
CA TRP B 344 17.18 31.53 15.78
C TRP B 344 16.25 32.29 14.90
N ARG B 345 15.07 32.61 15.41
CA ARG B 345 14.17 33.48 14.69
C ARG B 345 14.84 34.75 14.18
N ASP B 346 15.72 35.34 15.01
CA ASP B 346 16.42 36.56 14.67
C ASP B 346 17.42 36.35 13.54
N ILE B 347 18.25 35.34 13.63
CA ILE B 347 19.22 35.15 12.55
C ILE B 347 18.49 34.84 11.24
N LEU B 348 17.42 34.05 11.34
CA LEU B 348 16.60 33.81 10.16
C LEU B 348 16.19 35.15 9.53
N ASN B 349 15.56 36.02 10.32
CA ASN B 349 15.07 37.34 9.84
C ASN B 349 16.13 38.24 9.19
N ILE B 350 17.34 38.19 9.70
CA ILE B 350 18.47 38.87 9.09
C ILE B 350 18.72 38.47 7.60
N HIS B 351 18.83 37.18 7.36
CA HIS B 351 18.86 36.62 5.98
C HIS B 351 17.61 36.92 5.18
N LYS B 352 16.45 36.70 5.78
CA LYS B 352 15.20 37.02 5.10
C LYS B 352 15.24 38.41 4.50
N GLN B 353 15.52 39.42 5.31
CA GLN B 353 15.58 40.78 4.79
C GLN B 353 16.64 41.09 3.71
N GLN B 354 17.86 40.58 3.87
CA GLN B 354 18.87 40.79 2.82
C GLN B 354 18.33 40.25 1.47
N ASN B 355 17.72 39.07 1.54
CA ASN B 355 17.14 38.43 0.36
C ASN B 355 15.94 39.17 -0.23
N ALA B 356 15.05 39.68 0.62
CA ALA B 356 13.92 40.50 0.15
C ALA B 356 14.38 41.85 -0.49
N GLN B 357 15.44 42.43 0.07
CA GLN B 357 16.06 43.61 -0.51
C GLN B 357 16.60 43.35 -1.95
N LYS B 358 17.38 42.29 -2.14
CA LYS B 358 17.94 41.96 -3.45
C LYS B 358 16.86 41.68 -4.51
N MET B 359 15.80 40.98 -4.07
CA MET B 359 14.64 40.63 -4.83
C MET B 359 13.92 41.92 -5.27
N HIS B 360 13.67 42.79 -4.31
CA HIS B 360 13.01 44.07 -4.55
C HIS B 360 13.68 44.90 -5.67
N GLU B 361 14.99 44.99 -5.66
CA GLU B 361 15.71 45.66 -6.70
C GLU B 361 15.49 45.04 -8.10
N LYS B 362 15.41 43.71 -8.17
CA LYS B 362 15.11 43.05 -9.47
C LYS B 362 13.69 43.31 -9.94
N LEU B 363 12.77 43.36 -8.98
CA LEU B 363 11.35 43.49 -9.19
C LEU B 363 10.89 44.88 -9.59
N SER B 364 11.61 45.90 -9.12
CA SER B 364 11.21 47.31 -9.36
C SER B 364 12.00 47.96 -10.51
N THR B 365 13.00 47.24 -11.01
CA THR B 365 13.81 47.72 -12.08
C THR B 365 13.18 47.34 -13.42
N ASP B 366 12.68 48.38 -14.09
CA ASP B 366 12.05 48.25 -15.40
C ASP B 366 13.06 47.96 -16.50
N THR B 367 12.63 47.22 -17.52
CA THR B 367 13.49 46.80 -18.63
C THR B 367 12.71 46.73 -19.93
N GLN B 368 13.41 46.85 -21.06
CA GLN B 368 12.82 46.56 -22.38
C GLN B 368 13.76 45.73 -23.27
N PRO B 369 13.35 44.49 -23.59
CA PRO B 369 12.07 43.93 -23.15
C PRO B 369 11.99 43.50 -21.68
N LEU B 370 10.76 43.23 -21.23
CA LEU B 370 10.48 42.67 -19.91
C LEU B 370 11.37 41.46 -19.59
N ASN B 371 11.68 41.28 -18.32
CA ASN B 371 12.28 40.03 -17.83
C ASN B 371 11.27 39.35 -16.89
N TYR B 372 11.67 38.21 -16.30
CA TYR B 372 10.76 37.45 -15.42
C TYR B 372 10.42 38.22 -14.17
N PHE B 373 11.33 39.06 -13.67
CA PHE B 373 11.11 39.69 -12.36
C PHE B 373 10.21 40.89 -12.39
N ASN B 374 10.43 41.81 -13.34
CA ASN B 374 9.49 42.98 -13.46
C ASN B 374 8.09 42.61 -13.96
N ALA B 375 8.04 41.68 -14.92
CA ALA B 375 6.79 41.03 -15.37
C ALA B 375 6.01 40.45 -14.23
N LEU B 376 6.67 39.65 -13.40
CA LEU B 376 5.96 39.05 -12.25
C LEU B 376 5.63 40.03 -11.12
N SER B 377 6.47 41.05 -10.95
CA SER B 377 6.12 42.14 -10.05
C SER B 377 4.80 42.70 -10.48
N ALA B 378 4.59 42.87 -11.80
CA ALA B 378 3.28 43.37 -12.33
C ALA B 378 2.13 42.42 -12.01
N VAL B 379 2.36 41.13 -12.27
CA VAL B 379 1.34 40.11 -11.90
C VAL B 379 1.01 40.22 -10.41
N ARG B 380 2.06 40.38 -9.60
CA ARG B 380 1.84 40.37 -8.16
C ARG B 380 1.01 41.60 -7.73
N ASP B 381 1.33 42.75 -8.35
CA ASP B 381 0.50 43.98 -8.15
C ASP B 381 -1.00 43.69 -8.28
N VAL B 382 -1.36 42.96 -9.34
CA VAL B 382 -2.77 42.64 -9.62
C VAL B 382 -3.32 41.57 -8.69
N LEU B 383 -2.50 40.58 -8.37
CA LEU B 383 -2.94 39.48 -7.51
C LEU B 383 -3.13 39.93 -6.06
N ARG B 384 -2.31 40.90 -5.61
CA ARG B 384 -2.54 41.52 -4.27
C ARG B 384 -3.95 42.07 -4.09
N GLU B 385 -4.53 42.57 -5.17
CA GLU B 385 -5.84 43.17 -5.17
C GLU B 385 -6.95 42.19 -5.54
N ASN B 386 -6.58 40.95 -5.79
CA ASN B 386 -7.50 39.90 -6.25
C ASN B 386 -7.09 38.58 -5.59
N GLN B 387 -7.41 38.44 -4.31
CA GLN B 387 -6.90 37.38 -3.50
C GLN B 387 -7.74 36.08 -3.58
N ASP B 388 -8.89 36.16 -4.22
CA ASP B 388 -9.75 34.98 -4.29
C ASP B 388 -9.54 34.13 -5.58
N ILE B 389 -8.40 34.28 -6.25
CA ILE B 389 -8.18 33.53 -7.49
C ILE B 389 -7.52 32.17 -7.16
N TYR B 390 -7.51 31.25 -8.12
CA TYR B 390 -6.60 30.11 -8.09
C TYR B 390 -5.46 30.40 -9.01
N LEU B 391 -4.26 29.96 -8.62
CA LEU B 391 -3.07 30.15 -9.39
C LEU B 391 -2.58 28.78 -9.95
N VAL B 392 -2.59 28.65 -11.28
CA VAL B 392 -2.00 27.50 -11.96
C VAL B 392 -0.69 28.04 -12.56
N ASN B 393 0.38 27.24 -12.53
CA ASN B 393 1.67 27.76 -12.91
C ASN B 393 2.52 26.60 -13.47
N GLU B 394 3.13 26.79 -14.64
CA GLU B 394 4.03 25.74 -15.17
C GLU B 394 5.05 26.32 -16.10
N GLY B 395 6.18 25.66 -16.23
CA GLY B 395 7.26 26.11 -17.10
C GLY B 395 8.57 25.77 -16.43
N ALA B 396 9.65 26.50 -16.77
CA ALA B 396 10.91 26.39 -16.01
C ALA B 396 11.18 27.74 -15.25
N ASN B 397 11.80 28.69 -15.93
CA ASN B 397 11.94 30.05 -15.40
C ASN B 397 10.60 30.62 -14.95
N THR B 398 9.56 30.43 -15.78
CA THR B 398 8.20 30.88 -15.47
C THR B 398 7.71 30.23 -14.18
N LEU B 399 8.12 28.97 -13.96
CA LEU B 399 7.74 28.23 -12.77
C LEU B 399 8.55 28.73 -11.59
N ASP B 400 9.86 28.70 -11.69
CA ASP B 400 10.66 29.02 -10.49
C ASP B 400 10.44 30.45 -9.97
N ASN B 401 10.43 31.40 -10.90
CA ASN B 401 10.22 32.81 -10.55
C ASN B 401 8.80 33.07 -10.07
N ALA B 402 7.78 32.54 -10.72
CA ALA B 402 6.45 32.76 -10.14
C ALA B 402 6.31 32.15 -8.72
N ARG B 403 6.90 30.98 -8.49
CA ARG B 403 6.82 30.34 -7.14
C ARG B 403 7.36 31.30 -6.05
N ASN B 404 8.53 31.87 -6.31
CA ASN B 404 9.23 32.75 -5.38
C ASN B 404 8.54 34.10 -5.26
N ILE B 405 8.01 34.64 -6.35
CA ILE B 405 7.47 36.02 -6.39
C ILE B 405 5.96 36.18 -6.01
N ILE B 406 5.09 35.28 -6.49
CA ILE B 406 3.67 35.39 -6.20
C ILE B 406 3.34 34.76 -4.85
N ASP B 407 2.83 35.59 -3.94
CA ASP B 407 2.48 35.15 -2.64
C ASP B 407 1.10 34.53 -2.67
N MET B 408 0.91 33.48 -1.89
CA MET B 408 -0.41 32.94 -1.67
C MET B 408 -0.95 33.38 -0.29
N TYR B 409 -2.23 33.74 -0.25
CA TYR B 409 -2.89 34.25 0.95
C TYR B 409 -3.83 33.24 1.59
N LYS B 410 -4.31 32.29 0.77
CA LYS B 410 -5.21 31.21 1.23
C LYS B 410 -4.62 29.82 0.82
N PRO B 411 -5.00 28.75 1.55
CA PRO B 411 -4.48 27.37 1.33
C PRO B 411 -5.10 26.72 0.10
N ARG B 412 -4.39 25.74 -0.47
CA ARG B 412 -4.88 24.98 -1.63
C ARG B 412 -5.41 25.88 -2.73
N ARG B 413 -4.60 26.86 -3.15
CA ARG B 413 -4.88 27.78 -4.26
C ARG B 413 -3.78 27.70 -5.30
N ARG B 414 -2.66 27.01 -5.02
CA ARG B 414 -1.60 26.93 -6.07
C ARG B 414 -1.54 25.54 -6.69
N LEU B 415 -1.62 25.50 -8.01
CA LEU B 415 -1.40 24.21 -8.77
C LEU B 415 -0.32 24.26 -9.79
N ASP B 416 0.66 23.37 -9.66
CA ASP B 416 1.80 23.45 -10.55
C ASP B 416 2.33 22.08 -11.05
N CYS B 417 3.42 22.11 -11.78
CA CYS B 417 4.08 20.87 -12.29
C CYS B 417 4.23 19.69 -11.36
N GLY B 418 4.47 19.95 -10.08
CA GLY B 418 4.44 18.91 -9.03
C GLY B 418 5.65 18.00 -8.90
N THR B 419 5.45 16.87 -8.24
CA THR B 419 6.56 15.95 -8.00
C THR B 419 7.33 15.48 -9.28
N TRP B 420 6.63 15.28 -10.41
CA TRP B 420 7.33 14.83 -11.63
C TRP B 420 7.76 15.93 -12.60
N GLY B 421 7.56 17.21 -12.26
CA GLY B 421 7.89 18.31 -13.15
C GLY B 421 7.24 18.18 -14.55
N VAL B 422 5.92 17.92 -14.58
CA VAL B 422 5.17 17.74 -15.83
C VAL B 422 4.81 19.09 -16.47
N MET B 423 5.29 19.29 -17.70
CA MET B 423 4.76 20.35 -18.59
C MET B 423 3.49 19.77 -19.19
N GLY B 424 2.36 20.42 -18.99
CA GLY B 424 1.16 19.95 -19.67
C GLY B 424 -0.01 19.99 -18.76
N ILE B 425 0.26 20.31 -17.48
CA ILE B 425 -0.81 20.31 -16.46
C ILE B 425 -1.68 21.58 -16.41
N GLY B 426 -1.28 22.65 -17.09
CA GLY B 426 -1.91 23.96 -16.88
C GLY B 426 -3.37 24.08 -17.25
N MET B 427 -3.75 23.70 -18.48
CA MET B 427 -5.14 23.82 -18.89
C MET B 427 -6.01 22.96 -18.03
N GLY B 428 -5.65 21.68 -17.88
CA GLY B 428 -6.46 20.80 -17.04
C GLY B 428 -6.55 21.23 -15.61
N TYR B 429 -5.47 21.68 -14.99
CA TYR B 429 -5.60 22.16 -13.60
C TYR B 429 -6.47 23.45 -13.61
N ALA B 430 -6.29 24.27 -14.64
CA ALA B 430 -7.13 25.48 -14.75
C ALA B 430 -8.65 25.14 -14.80
N ILE B 431 -9.02 24.20 -15.67
CA ILE B 431 -10.41 23.74 -15.75
C ILE B 431 -10.86 23.02 -14.50
N GLY B 432 -10.05 22.08 -13.98
CA GLY B 432 -10.47 21.42 -12.70
C GLY B 432 -10.70 22.43 -11.55
N ALA B 433 -9.79 23.37 -11.38
CA ALA B 433 -9.87 24.41 -10.31
C ALA B 433 -11.14 25.26 -10.48
N SER B 434 -11.38 25.79 -11.69
CA SER B 434 -12.58 26.65 -11.87
C SER B 434 -13.92 25.91 -11.83
N VAL B 435 -13.99 24.73 -12.45
CA VAL B 435 -15.22 23.92 -12.29
C VAL B 435 -15.48 23.61 -10.80
N THR B 436 -14.43 23.22 -10.09
CA THR B 436 -14.57 22.81 -8.68
C THR B 436 -14.98 24.01 -7.78
N SER B 437 -14.38 25.18 -8.04
CA SER B 437 -14.51 26.33 -7.12
C SER B 437 -15.55 27.38 -7.56
N GLY B 438 -15.75 27.52 -8.88
CA GLY B 438 -16.56 28.61 -9.39
C GLY B 438 -15.79 29.92 -9.40
N SER B 439 -14.50 29.87 -9.02
CA SER B 439 -13.65 31.03 -8.97
C SER B 439 -12.78 31.23 -10.22
N PRO B 440 -12.35 32.47 -10.46
CA PRO B 440 -11.33 32.76 -11.48
C PRO B 440 -9.99 32.05 -11.26
N VAL B 441 -9.28 31.80 -12.36
CA VAL B 441 -8.02 31.15 -12.31
C VAL B 441 -7.14 32.01 -13.13
N VAL B 442 -5.93 32.17 -12.66
CA VAL B 442 -4.80 32.72 -13.42
C VAL B 442 -3.73 31.67 -13.67
N ALA B 443 -3.48 31.37 -14.94
CA ALA B 443 -2.50 30.36 -15.29
C ALA B 443 -1.29 31.08 -15.83
N ILE B 444 -0.19 31.01 -15.11
CA ILE B 444 1.06 31.63 -15.52
C ILE B 444 1.86 30.50 -16.15
N GLU B 445 2.01 30.58 -17.49
CA GLU B 445 2.39 29.52 -18.37
C GLU B 445 3.67 29.90 -19.04
N GLY B 446 4.69 29.04 -18.97
CA GLY B 446 5.81 29.19 -19.90
C GLY B 446 5.29 28.92 -21.32
N ASP B 447 5.97 29.38 -22.37
CA ASP B 447 5.41 29.15 -23.70
C ASP B 447 5.59 27.70 -24.22
N SER B 448 6.70 27.06 -23.92
CA SER B 448 6.81 25.61 -24.11
C SER B 448 5.79 24.87 -23.26
N ALA B 449 5.68 25.17 -21.98
CA ALA B 449 4.68 24.46 -21.16
C ALA B 449 3.27 24.52 -21.76
N PHE B 450 2.92 25.72 -22.24
CA PHE B 450 1.59 25.95 -22.76
C PHE B 450 1.18 25.00 -23.92
N GLY B 451 2.13 24.77 -24.79
CA GLY B 451 1.87 24.05 -26.00
C GLY B 451 1.58 22.56 -25.72
N PHE B 452 1.77 22.09 -24.48
CA PHE B 452 1.49 20.67 -24.18
C PHE B 452 -0.02 20.43 -23.97
N SER B 453 -0.79 21.48 -23.67
CA SER B 453 -2.25 21.35 -23.48
C SER B 453 -3.02 22.52 -24.12
N GLY B 454 -2.34 23.29 -24.96
CA GLY B 454 -2.95 24.48 -25.64
C GLY B 454 -4.38 24.42 -26.18
N MET B 455 -4.67 23.40 -26.98
CA MET B 455 -6.00 23.15 -27.53
C MET B 455 -7.13 23.19 -26.49
N GLU B 456 -6.80 22.94 -25.23
CA GLU B 456 -7.84 23.09 -24.21
C GLU B 456 -8.38 24.51 -24.04
N ILE B 457 -7.75 25.49 -24.66
CA ILE B 457 -8.43 26.83 -24.66
C ILE B 457 -9.86 26.78 -25.25
N GLU B 458 -10.11 25.83 -26.17
CA GLU B 458 -11.42 25.71 -26.79
C GLU B 458 -12.42 25.27 -25.77
N THR B 459 -11.98 24.37 -24.88
CA THR B 459 -12.81 23.83 -23.83
C THR B 459 -13.14 24.92 -22.83
N ILE B 460 -12.13 25.72 -22.48
CA ILE B 460 -12.33 26.85 -21.54
C ILE B 460 -13.43 27.80 -22.09
N CYS B 461 -13.35 28.08 -23.40
CA CYS B 461 -14.41 28.84 -24.09
C CYS B 461 -15.72 28.12 -24.17
N ARG B 462 -15.71 26.83 -24.50
CA ARG B 462 -16.95 26.10 -24.65
C ARG B 462 -17.77 26.12 -23.38
N TYR B 463 -17.10 26.11 -22.22
CA TYR B 463 -17.79 26.15 -20.93
C TYR B 463 -17.80 27.52 -20.27
N ASN B 464 -17.17 28.51 -20.93
CA ASN B 464 -17.22 29.92 -20.49
C ASN B 464 -16.62 30.05 -19.08
N LEU B 465 -15.48 29.40 -18.90
CA LEU B 465 -14.77 29.40 -17.61
C LEU B 465 -13.91 30.65 -17.45
N PRO B 466 -13.91 31.25 -16.24
CA PRO B 466 -13.12 32.46 -15.96
C PRO B 466 -11.69 32.17 -15.75
N VAL B 467 -10.95 31.90 -16.82
CA VAL B 467 -9.57 31.55 -16.71
C VAL B 467 -8.84 32.54 -17.51
N THR B 468 -7.80 33.15 -16.94
CA THR B 468 -6.95 34.03 -17.72
C THR B 468 -5.62 33.36 -17.80
N ILE B 469 -5.14 33.17 -19.01
CA ILE B 469 -3.90 32.52 -19.26
C ILE B 469 -2.79 33.54 -19.57
N VAL B 470 -1.79 33.60 -18.72
CA VAL B 470 -0.68 34.51 -18.93
C VAL B 470 0.54 33.77 -19.40
N ILE B 471 0.89 33.93 -20.67
CA ILE B 471 2.00 33.20 -21.26
C ILE B 471 3.28 34.00 -21.32
N PHE B 472 4.35 33.45 -20.75
CA PHE B 472 5.59 34.13 -20.79
C PHE B 472 6.36 33.74 -22.04
N ASN B 473 6.17 34.57 -23.07
CA ASN B 473 6.62 34.19 -24.36
C ASN B 473 8.03 34.66 -24.45
N ASN B 474 8.96 33.78 -24.12
CA ASN B 474 10.35 34.12 -24.31
C ASN B 474 10.88 33.52 -25.59
N GLY B 475 9.97 33.01 -26.43
CA GLY B 475 10.36 32.34 -27.70
C GLY B 475 11.07 31.02 -27.57
N GLY B 476 10.85 30.32 -26.45
CA GLY B 476 11.41 28.95 -26.41
C GLY B 476 11.54 28.26 -25.07
N ILE B 477 12.24 27.13 -25.09
CA ILE B 477 12.36 26.28 -23.89
C ILE B 477 13.53 26.84 -23.11
N TYR B 478 13.24 27.43 -21.94
CA TYR B 478 14.28 28.12 -21.10
C TYR B 478 14.67 29.50 -21.64
N ARG B 479 15.18 29.53 -22.88
CA ARG B 479 15.51 30.79 -23.58
C ARG B 479 15.11 30.84 -25.10
N GLY B 480 15.07 32.03 -25.70
CA GLY B 480 14.65 32.20 -27.10
C GLY B 480 15.79 32.47 -28.06
N ASP B 481 17.00 32.39 -27.55
CA ASP B 481 18.16 32.82 -28.31
C ASP B 481 19.13 31.73 -28.76
N GLY B 482 18.63 30.52 -28.92
CA GLY B 482 19.50 29.43 -29.35
C GLY B 482 19.93 29.63 -30.78
N VAL B 483 21.05 29.01 -31.15
CA VAL B 483 21.57 29.10 -32.52
C VAL B 483 21.83 27.68 -33.00
N ASP B 484 21.56 27.46 -34.29
CA ASP B 484 21.86 26.19 -34.93
C ASP B 484 23.37 26.18 -35.10
N LEU B 485 24.01 25.34 -34.29
CA LEU B 485 25.44 25.19 -34.28
C LEU B 485 25.98 24.50 -35.52
N SER B 486 25.14 24.25 -36.52
CA SER B 486 25.69 23.71 -37.79
C SER B 486 26.15 24.83 -38.73
N GLY B 487 25.53 26.00 -38.54
CA GLY B 487 25.60 27.12 -39.49
C GLY B 487 24.61 26.88 -40.60
N ALA B 488 23.44 26.38 -40.27
CA ALA B 488 22.46 26.11 -41.30
C ALA B 488 21.30 27.01 -41.08
N GLY B 489 21.31 27.76 -40.00
CA GLY B 489 20.23 28.70 -39.75
C GLY B 489 18.86 28.12 -39.38
N ALA B 490 18.81 26.82 -39.06
CA ALA B 490 17.58 26.20 -38.60
C ALA B 490 17.27 26.60 -37.14
N PRO B 491 15.99 26.55 -36.75
CA PRO B 491 15.67 26.77 -35.34
C PRO B 491 16.50 25.77 -34.48
N SER B 492 16.97 26.23 -33.33
CA SER B 492 17.72 25.35 -32.43
C SER B 492 16.72 24.48 -31.65
N PRO B 493 17.21 23.41 -31.00
CA PRO B 493 16.25 22.49 -30.40
C PRO B 493 15.36 23.18 -29.41
N THR B 494 15.75 24.37 -28.92
CA THR B 494 15.02 25.07 -27.87
C THR B 494 14.17 26.25 -28.32
N ASP B 495 14.35 26.66 -29.58
CA ASP B 495 13.54 27.77 -30.13
C ASP B 495 12.11 27.40 -30.49
N LEU B 496 11.15 28.20 -30.09
CA LEU B 496 9.82 28.19 -30.66
C LEU B 496 9.74 29.36 -31.70
N LEU B 497 8.63 29.54 -32.39
CA LEU B 497 8.58 30.62 -33.38
C LEU B 497 8.87 32.01 -32.77
N HIS B 498 9.91 32.67 -33.30
CA HIS B 498 10.20 34.11 -33.05
C HIS B 498 8.89 34.87 -33.02
N HIS B 499 8.50 35.45 -31.90
CA HIS B 499 7.37 36.38 -31.89
C HIS B 499 5.97 35.84 -32.24
N ALA B 500 5.76 34.54 -31.94
CA ALA B 500 4.45 33.94 -31.96
C ALA B 500 3.47 34.81 -31.17
N ARG B 501 2.23 34.96 -31.66
CA ARG B 501 1.19 35.69 -30.93
C ARG B 501 0.07 34.78 -30.41
N TYR B 502 0.33 34.18 -29.24
CA TYR B 502 -0.58 33.24 -28.61
C TYR B 502 -1.94 33.85 -28.26
N ASP B 503 -1.99 35.17 -28.11
CA ASP B 503 -3.27 35.84 -27.80
C ASP B 503 -4.29 35.67 -28.96
N LYS B 504 -3.76 35.54 -30.17
CA LYS B 504 -4.62 35.34 -31.34
C LYS B 504 -5.38 34.03 -31.38
N LEU B 505 -4.81 32.97 -30.75
CA LEU B 505 -5.44 31.64 -30.71
C LEU B 505 -6.86 31.81 -30.28
N MET B 506 -7.05 32.65 -29.30
CA MET B 506 -8.39 32.91 -28.83
C MET B 506 -9.41 33.40 -29.91
N ASP B 507 -8.92 34.00 -31.00
CA ASP B 507 -9.84 34.49 -32.05
C ASP B 507 -10.74 33.37 -32.54
N ALA B 508 -10.11 32.22 -32.81
CA ALA B 508 -10.79 30.98 -33.23
C ALA B 508 -11.98 30.60 -32.38
N PHE B 509 -11.96 30.98 -31.11
CA PHE B 509 -12.93 30.45 -30.19
C PHE B 509 -13.79 31.52 -29.51
N ARG B 510 -13.64 32.75 -29.98
CA ARG B 510 -14.47 33.90 -29.55
C ARG B 510 -14.14 34.31 -28.09
N GLY B 511 -12.86 34.30 -27.79
CA GLY B 511 -12.38 34.68 -26.47
C GLY B 511 -11.45 35.85 -26.64
N VAL B 512 -10.92 36.34 -25.51
CA VAL B 512 -10.22 37.61 -25.46
C VAL B 512 -8.74 37.34 -25.51
N GLY B 513 -8.03 38.12 -26.31
CA GLY B 513 -6.60 38.11 -26.31
C GLY B 513 -6.02 39.51 -26.13
N TYR B 514 -4.97 39.60 -25.30
CA TYR B 514 -4.09 40.77 -25.22
C TYR B 514 -2.63 40.43 -25.51
N ASN B 515 -1.95 41.34 -26.18
CA ASN B 515 -0.50 41.27 -26.29
C ASN B 515 0.04 42.39 -25.38
N VAL B 516 1.05 42.08 -24.56
CA VAL B 516 1.59 43.02 -23.56
C VAL B 516 3.09 43.03 -23.69
N THR B 517 3.66 44.23 -23.69
CA THR B 517 5.09 44.41 -23.83
C THR B 517 5.69 45.15 -22.62
N THR B 518 4.84 45.73 -21.78
CA THR B 518 5.26 46.53 -20.62
C THR B 518 4.43 46.16 -19.40
N THR B 519 4.96 46.50 -18.24
CA THR B 519 4.29 46.24 -16.98
C THR B 519 2.92 46.90 -16.85
N ASP B 520 2.75 48.07 -17.46
CA ASP B 520 1.49 48.84 -17.37
C ASP B 520 0.45 48.18 -18.25
N GLU B 521 0.85 47.78 -19.46
CA GLU B 521 0.00 46.95 -20.32
C GLU B 521 -0.38 45.64 -19.59
N LEU B 522 0.63 44.97 -19.02
CA LEU B 522 0.41 43.71 -18.30
C LEU B 522 -0.58 43.89 -17.19
N ARG B 523 -0.38 44.92 -16.36
CA ARG B 523 -1.27 45.22 -15.22
C ARG B 523 -2.71 45.42 -15.68
N HIS B 524 -2.88 46.18 -16.74
CA HIS B 524 -4.22 46.44 -17.20
C HIS B 524 -4.85 45.17 -17.77
N ALA B 525 -4.09 44.50 -18.64
CA ALA B 525 -4.61 43.30 -19.31
C ALA B 525 -4.98 42.25 -18.24
N LEU B 526 -4.16 42.08 -17.22
CA LEU B 526 -4.48 41.03 -16.22
C LEU B 526 -5.64 41.35 -15.27
N THR B 527 -5.78 42.62 -14.91
CA THR B 527 -6.93 43.06 -14.09
C THR B 527 -8.28 42.87 -14.81
N THR B 528 -8.32 43.33 -16.07
CA THR B 528 -9.49 43.18 -16.95
C THR B 528 -9.84 41.67 -17.08
N GLY B 529 -8.85 40.88 -17.57
CA GLY B 529 -8.92 39.42 -17.50
C GLY B 529 -9.70 38.84 -16.33
N ILE B 530 -9.19 38.97 -15.13
CA ILE B 530 -9.87 38.46 -13.95
C ILE B 530 -11.26 39.06 -13.75
N GLN B 531 -11.37 40.38 -13.80
CA GLN B 531 -12.63 41.03 -13.42
C GLN B 531 -13.76 40.79 -14.43
N SER B 532 -13.38 40.54 -15.70
CA SER B 532 -14.30 40.20 -16.80
C SER B 532 -14.94 38.82 -16.67
N ARG B 533 -14.20 37.90 -16.05
CA ARG B 533 -14.58 36.50 -15.98
C ARG B 533 -14.72 35.84 -17.34
N LYS B 534 -14.04 36.42 -18.34
CA LYS B 534 -14.06 35.87 -19.70
C LYS B 534 -12.77 35.07 -19.94
N PRO B 535 -12.85 33.93 -20.67
CA PRO B 535 -11.66 33.24 -21.16
C PRO B 535 -10.69 34.17 -21.89
N THR B 536 -9.45 34.23 -21.43
CA THR B 536 -8.50 35.24 -21.95
C THR B 536 -7.10 34.69 -21.98
N ILE B 537 -6.41 34.99 -23.08
CA ILE B 537 -4.98 34.86 -23.17
C ILE B 537 -4.26 36.21 -23.18
N ILE B 538 -3.27 36.32 -22.29
CA ILE B 538 -2.36 37.42 -22.29
C ILE B 538 -1.03 36.91 -22.77
N ASN B 539 -0.65 37.36 -23.96
CA ASN B 539 0.68 37.10 -24.44
C ASN B 539 1.65 38.18 -23.96
N VAL B 540 2.69 37.74 -23.22
CA VAL B 540 3.67 38.60 -22.56
C VAL B 540 5.03 38.49 -23.20
N VAL B 541 5.54 39.58 -23.74
CA VAL B 541 6.79 39.48 -24.48
C VAL B 541 7.95 39.55 -23.50
N ILE B 542 8.77 38.49 -23.49
CA ILE B 542 9.79 38.36 -22.46
C ILE B 542 11.08 38.34 -23.22
N ASP B 543 12.08 39.01 -22.67
CA ASP B 543 13.39 39.03 -23.24
C ASP B 543 13.81 37.54 -23.45
N PRO B 544 14.15 37.15 -24.70
CA PRO B 544 14.56 35.80 -25.01
C PRO B 544 15.74 35.39 -24.17
N ALA B 545 16.41 36.37 -23.56
CA ALA B 545 17.71 36.07 -22.92
C ALA B 545 17.66 36.22 -21.42
N ALA B 546 16.47 36.57 -20.91
CA ALA B 546 16.23 36.64 -19.48
C ALA B 546 16.31 35.27 -18.77
N GLY B 547 15.93 34.17 -19.43
CA GLY B 547 16.00 32.89 -18.75
C GLY B 547 17.39 32.27 -18.58
N THR B 548 17.50 31.34 -17.63
CA THR B 548 18.67 30.47 -17.57
C THR B 548 18.24 29.06 -17.98
N GLU B 549 19.18 28.29 -18.51
CA GLU B 549 18.94 26.88 -18.80
C GLU B 549 19.22 25.99 -17.55
#